data_8JPS
#
_entry.id   8JPS
#
_cell.length_a   1.00
_cell.length_b   1.00
_cell.length_c   1.00
_cell.angle_alpha   90.00
_cell.angle_beta   90.00
_cell.angle_gamma   90.00
#
_symmetry.space_group_name_H-M   'P 1'
#
loop_
_entity.id
_entity.type
_entity.pdbx_description
1 polymer 'Atypical chemokine receptor 1'
2 polymer 'C-C motif chemokine 7'
#
loop_
_entity_poly.entity_id
_entity_poly.type
_entity_poly.pdbx_seq_one_letter_code
_entity_poly.pdbx_strand_id
1 'polypeptide(L)'
;EAAAPCHSCNLLDDSALPFFILTSVLGILASSTVLFMLFRPLFRWQLCPGWPVLAQLAVGSALFSIVVPVLAPGLGSTRS
SALCSLGYCVWYGSAFAQALLLGCHASLGHRLGAGQVPGLTLGLTVGIWGVAALLTLPVTLASGASGGLCTLIYSTELKA
LQATHTVACLAIFVLLPLGLFGAKGLKKALGMGPGPWMNILWAWFIFWWPHGVVLGLDFLVRSKLLLLSTCLAQQALDLL
LNLAEALAILHCVATPLLLALFCHQAT
;
B,A
2 'polypeptide(L)' STTCCYRFINKKIPKQRLESYRRTTSSHCPREAVIFKTKLDKEICADPTQKWVQDFMKHLDKK D,C
#
# COMPACT_ATOMS: atom_id res chain seq x y z
N GLU A 1 5.62 2.21 59.17
CA GLU A 1 4.60 1.97 58.12
C GLU A 1 4.70 3.08 57.09
N ALA A 2 5.43 2.85 55.99
CA ALA A 2 5.41 3.90 54.99
C ALA A 2 4.18 3.83 54.09
N ALA A 3 3.98 2.69 53.41
CA ALA A 3 2.82 2.49 52.53
C ALA A 3 2.71 3.59 51.48
N ALA A 4 3.85 4.14 51.06
CA ALA A 4 3.85 5.24 50.10
C ALA A 4 3.49 4.72 48.71
N PRO A 5 2.76 5.52 47.92
CA PRO A 5 2.45 5.09 46.55
C PRO A 5 3.71 5.00 45.70
N CYS A 6 3.70 4.07 44.76
CA CYS A 6 4.84 3.86 43.88
C CYS A 6 4.85 4.87 42.75
N HIS A 7 6.05 5.28 42.34
CA HIS A 7 6.22 6.27 41.29
C HIS A 7 7.20 5.75 40.25
N SER A 8 6.96 6.12 38.99
CA SER A 8 7.76 5.63 37.88
C SER A 8 9.03 6.47 37.71
N CYS A 9 10.03 5.86 37.06
CA CYS A 9 11.26 6.58 36.76
C CYS A 9 11.05 7.68 35.73
N ASN A 10 10.35 7.36 34.63
CA ASN A 10 9.90 8.33 33.63
C ASN A 10 11.09 9.10 33.02
N LEU A 11 11.92 8.35 32.29
CA LEU A 11 13.10 8.91 31.64
C LEU A 11 12.78 9.79 30.44
N LEU A 12 12.11 9.22 29.44
CA LEU A 12 12.05 9.81 28.10
C LEU A 12 11.31 11.14 28.02
N ASP A 13 10.51 11.48 29.02
CA ASP A 13 9.73 12.72 28.99
C ASP A 13 10.58 13.98 28.86
N ASP A 14 9.91 15.12 28.78
CA ASP A 14 10.36 16.37 28.18
C ASP A 14 11.86 16.64 28.29
N SER A 15 12.45 16.39 29.47
CA SER A 15 13.86 16.67 29.70
C SER A 15 14.79 15.97 28.73
N ALA A 16 14.29 15.06 27.88
CA ALA A 16 15.10 14.34 26.91
C ALA A 16 14.80 14.75 25.48
N LEU A 17 14.42 16.00 25.26
CA LEU A 17 14.11 16.55 23.94
C LEU A 17 15.25 16.39 22.94
N PRO A 18 16.53 16.60 23.31
CA PRO A 18 17.61 16.40 22.34
C PRO A 18 17.60 15.02 21.71
N PHE A 19 17.34 13.97 22.50
CA PHE A 19 17.35 12.60 22.00
C PHE A 19 16.28 12.36 20.94
N PHE A 20 15.30 13.28 20.82
CA PHE A 20 14.33 13.23 19.74
C PHE A 20 14.72 14.15 18.59
N ILE A 21 14.94 15.43 18.88
CA ILE A 21 15.12 16.41 17.81
C ILE A 21 16.44 16.20 17.08
N LEU A 22 17.55 16.11 17.84
CA LEU A 22 18.85 15.95 17.21
C LEU A 22 18.94 14.61 16.49
N THR A 23 18.34 13.57 17.09
CA THR A 23 18.33 12.26 16.45
C THR A 23 17.56 12.30 15.13
N SER A 24 16.40 12.97 15.11
CA SER A 24 15.65 13.08 13.86
C SER A 24 16.43 13.86 12.80
N VAL A 25 17.08 14.95 13.20
CA VAL A 25 17.82 15.76 12.23
C VAL A 25 19.00 14.98 11.66
N LEU A 26 19.76 14.31 12.53
CA LEU A 26 20.88 13.50 12.04
C LEU A 26 20.38 12.36 11.16
N GLY A 27 19.23 11.77 11.52
CA GLY A 27 18.69 10.70 10.71
C GLY A 27 18.28 11.15 9.33
N ILE A 28 17.56 12.27 9.23
CA ILE A 28 17.17 12.75 7.91
C ILE A 28 18.41 13.14 7.10
N LEU A 29 19.38 13.78 7.74
CA LEU A 29 20.60 14.14 7.01
C LEU A 29 21.31 12.91 6.45
N ALA A 30 21.55 11.91 7.30
CA ALA A 30 22.28 10.72 6.85
C ALA A 30 21.48 9.95 5.81
N SER A 31 20.17 9.81 6.02
CA SER A 31 19.35 9.06 5.08
C SER A 31 19.29 9.74 3.72
N SER A 32 19.11 11.06 3.70
CA SER A 32 19.13 11.77 2.43
C SER A 32 20.50 11.66 1.76
N THR A 33 21.58 11.72 2.55
CA THR A 33 22.91 11.59 1.97
C THR A 33 23.08 10.24 1.29
N VAL A 34 22.78 9.15 2.00
CA VAL A 34 22.90 7.83 1.40
C VAL A 34 21.86 7.57 0.33
N LEU A 35 20.82 8.40 0.25
CA LEU A 35 19.84 8.27 -0.82
C LEU A 35 20.31 8.93 -2.11
N PHE A 36 20.84 10.15 -2.02
CA PHE A 36 21.31 10.79 -3.25
C PHE A 36 22.74 10.42 -3.58
N MET A 37 23.41 9.62 -2.76
CA MET A 37 24.61 8.94 -3.22
C MET A 37 24.30 7.71 -4.06
N LEU A 38 23.04 7.27 -4.07
CA LEU A 38 22.55 6.26 -5.01
C LEU A 38 21.81 6.87 -6.18
N PHE A 39 21.06 7.96 -5.95
CA PHE A 39 20.38 8.65 -7.04
C PHE A 39 21.35 9.34 -7.98
N ARG A 40 22.61 9.51 -7.57
CA ARG A 40 23.68 10.04 -8.41
C ARG A 40 24.67 8.92 -8.68
N PRO A 41 24.59 8.24 -9.83
CA PRO A 41 25.40 7.03 -10.02
C PRO A 41 26.85 7.32 -10.39
N LEU A 42 27.29 8.56 -10.20
CA LEU A 42 28.66 8.95 -10.52
C LEU A 42 29.68 8.43 -9.51
N PHE A 43 29.24 7.82 -8.42
CA PHE A 43 30.13 7.31 -7.39
C PHE A 43 30.30 5.80 -7.44
N ARG A 44 29.99 5.18 -8.59
CA ARG A 44 30.15 3.74 -8.80
C ARG A 44 29.35 2.93 -7.79
N TRP A 45 28.10 3.34 -7.58
CA TRP A 45 27.15 2.59 -6.76
C TRP A 45 26.19 1.76 -7.59
N GLN A 46 26.38 1.70 -8.91
CA GLN A 46 25.46 0.97 -9.79
C GLN A 46 25.84 -0.50 -9.94
N LEU A 47 27.03 -0.90 -9.49
CA LEU A 47 27.50 -2.27 -9.65
C LEU A 47 27.05 -3.19 -8.52
N CYS A 48 26.24 -2.70 -7.60
CA CYS A 48 25.83 -3.48 -6.44
C CYS A 48 24.72 -4.48 -6.82
N PRO A 49 24.67 -5.62 -6.16
CA PRO A 49 23.61 -6.61 -6.43
C PRO A 49 22.34 -6.23 -5.69
N GLY A 50 21.23 -6.10 -6.43
CA GLY A 50 19.96 -5.77 -5.83
C GLY A 50 19.93 -4.42 -5.15
N TRP A 51 20.44 -3.40 -5.85
CA TRP A 51 20.47 -2.06 -5.26
C TRP A 51 19.10 -1.43 -5.00
N PRO A 52 18.04 -1.66 -5.80
CA PRO A 52 16.76 -1.01 -5.48
C PRO A 52 16.21 -1.39 -4.12
N VAL A 53 16.40 -2.64 -3.68
CA VAL A 53 15.96 -3.00 -2.33
C VAL A 53 16.76 -2.23 -1.29
N LEU A 54 18.06 -2.06 -1.54
CA LEU A 54 18.89 -1.25 -0.64
C LEU A 54 18.37 0.18 -0.55
N ALA A 55 18.03 0.76 -1.71
CA ALA A 55 17.54 2.13 -1.75
C ALA A 55 16.18 2.25 -1.09
N GLN A 56 15.35 1.20 -1.20
CA GLN A 56 14.05 1.23 -0.53
C GLN A 56 14.20 1.14 0.98
N LEU A 57 15.15 0.33 1.46
CA LEU A 57 15.47 0.34 2.88
C LEU A 57 15.92 1.73 3.32
N ALA A 58 16.77 2.37 2.51
CA ALA A 58 17.24 3.72 2.84
C ALA A 58 16.10 4.72 2.88
N VAL A 59 15.18 4.66 1.91
CA VAL A 59 14.10 5.64 1.90
C VAL A 59 13.11 5.38 3.03
N GLY A 60 12.94 4.12 3.43
CA GLY A 60 12.18 3.84 4.63
C GLY A 60 12.81 4.46 5.86
N SER A 61 14.14 4.34 5.97
CA SER A 61 14.84 4.99 7.08
C SER A 61 14.66 6.50 7.02
N ALA A 62 14.67 7.07 5.82
CA ALA A 62 14.47 8.51 5.66
C ALA A 62 13.08 8.93 6.15
N LEU A 63 12.05 8.17 5.77
CA LEU A 63 10.71 8.49 6.22
C LEU A 63 10.60 8.41 7.74
N PHE A 64 11.18 7.35 8.33
CA PHE A 64 11.14 7.20 9.78
C PHE A 64 11.89 8.35 10.48
N SER A 65 13.03 8.75 9.93
CA SER A 65 13.78 9.88 10.48
C SER A 65 12.97 11.17 10.40
N ILE A 66 12.28 11.39 9.28
CA ILE A 66 11.45 12.58 9.13
C ILE A 66 10.32 12.56 10.16
N VAL A 67 9.75 11.39 10.41
CA VAL A 67 8.54 11.31 11.21
C VAL A 67 8.82 11.38 12.72
N VAL A 68 10.01 10.96 13.15
CA VAL A 68 10.37 10.93 14.57
C VAL A 68 9.83 12.11 15.40
N PRO A 69 10.10 13.37 15.05
CA PRO A 69 9.79 14.46 15.99
C PRO A 69 8.32 14.76 16.17
N VAL A 70 7.43 14.32 15.27
CA VAL A 70 6.04 14.72 15.38
C VAL A 70 5.37 14.09 16.60
N LEU A 71 5.75 12.84 16.92
CA LEU A 71 5.21 12.15 18.09
C LEU A 71 6.12 12.28 19.31
N ALA A 72 7.21 13.02 19.18
CA ALA A 72 8.16 13.14 20.28
C ALA A 72 7.61 14.05 21.38
N PRO A 73 7.83 13.73 22.65
CA PRO A 73 7.46 14.67 23.71
C PRO A 73 8.43 15.84 23.78
N GLY A 74 8.27 16.70 24.77
CA GLY A 74 9.05 17.92 24.88
C GLY A 74 8.34 19.13 24.30
N LEU A 75 7.71 18.95 23.14
CA LEU A 75 6.87 20.01 22.59
C LEU A 75 5.60 20.16 23.42
N GLY A 76 5.04 21.37 23.41
CA GLY A 76 3.87 21.65 24.20
C GLY A 76 2.59 21.08 23.65
N SER A 77 1.47 21.74 23.94
CA SER A 77 0.16 21.31 23.48
C SER A 77 -0.07 21.73 22.04
N THR A 78 -1.33 21.64 21.59
CA THR A 78 -1.83 21.97 20.25
C THR A 78 -1.53 20.85 19.26
N ARG A 79 -0.91 19.76 19.67
CA ARG A 79 -0.74 18.60 18.80
C ARG A 79 -2.06 17.84 18.73
N SER A 80 -2.73 17.96 17.58
CA SER A 80 -4.02 17.31 17.40
C SER A 80 -3.84 15.80 17.27
N SER A 81 -4.93 15.07 17.51
CA SER A 81 -4.92 13.63 17.34
C SER A 81 -4.63 13.23 15.89
N ALA A 82 -4.91 14.12 14.94
CA ALA A 82 -4.62 13.81 13.53
C ALA A 82 -3.12 13.65 13.30
N LEU A 83 -2.33 14.60 13.79
CA LEU A 83 -0.89 14.52 13.61
C LEU A 83 -0.29 13.33 14.34
N CYS A 84 -0.78 13.05 15.55
CA CYS A 84 -0.29 11.90 16.31
C CYS A 84 -0.61 10.59 15.60
N SER A 85 -1.83 10.48 15.07
CA SER A 85 -2.21 9.30 14.31
C SER A 85 -1.34 9.16 13.06
N LEU A 86 -1.10 10.28 12.36
CA LEU A 86 -0.19 10.25 11.22
C LEU A 86 1.18 9.73 11.62
N GLY A 87 1.73 10.23 12.73
CA GLY A 87 3.03 9.84 13.19
C GLY A 87 3.13 8.36 13.48
N TYR A 88 2.20 7.84 14.30
CA TYR A 88 2.21 6.40 14.56
C TYR A 88 2.04 5.59 13.28
N CYS A 89 1.11 6.00 12.42
CA CYS A 89 0.83 5.23 11.21
C CYS A 89 2.07 5.10 10.34
N VAL A 90 2.69 6.22 10.00
CA VAL A 90 3.82 6.16 9.09
C VAL A 90 5.06 5.59 9.78
N TRP A 91 5.24 5.85 11.07
CA TRP A 91 6.37 5.27 11.80
C TRP A 91 6.31 3.75 11.80
N TYR A 92 5.18 3.19 12.20
CA TYR A 92 5.07 1.73 12.24
C TYR A 92 5.02 1.15 10.83
N GLY A 93 4.47 1.88 9.86
CA GLY A 93 4.51 1.42 8.49
C GLY A 93 5.92 1.33 7.96
N SER A 94 6.76 2.32 8.28
CA SER A 94 8.16 2.28 7.88
C SER A 94 8.88 1.10 8.53
N ALA A 95 8.63 0.88 9.82
CA ALA A 95 9.24 -0.25 10.50
C ALA A 95 8.84 -1.57 9.82
N PHE A 96 7.54 -1.74 9.58
CA PHE A 96 7.04 -2.96 8.94
C PHE A 96 7.62 -3.11 7.55
N ALA A 97 7.69 -2.02 6.79
CA ALA A 97 8.18 -2.09 5.42
C ALA A 97 9.64 -2.50 5.37
N GLN A 98 10.47 -1.91 6.25
CA GLN A 98 11.88 -2.30 6.26
C GLN A 98 12.04 -3.76 6.69
N ALA A 99 11.29 -4.19 7.71
CA ALA A 99 11.38 -5.58 8.13
C ALA A 99 10.97 -6.52 7.00
N LEU A 100 9.95 -6.13 6.23
CA LEU A 100 9.50 -6.96 5.12
C LEU A 100 10.52 -7.00 4.00
N LEU A 101 11.17 -5.86 3.71
CA LEU A 101 12.25 -5.88 2.72
C LEU A 101 13.38 -6.80 3.15
N LEU A 102 13.76 -6.75 4.43
CA LEU A 102 14.81 -7.64 4.91
C LEU A 102 14.39 -9.10 4.80
N GLY A 103 13.16 -9.42 5.20
CA GLY A 103 12.68 -10.78 5.08
C GLY A 103 12.63 -11.25 3.63
N CYS A 104 12.24 -10.37 2.73
CA CYS A 104 12.20 -10.69 1.32
C CYS A 104 13.60 -10.96 0.77
N HIS A 105 14.57 -10.11 1.12
CA HIS A 105 15.92 -10.27 0.59
C HIS A 105 16.57 -11.54 1.13
N ALA A 106 16.49 -11.75 2.45
CA ALA A 106 17.17 -12.89 3.04
C ALA A 106 16.64 -14.22 2.53
N SER A 107 15.42 -14.24 1.99
CA SER A 107 14.81 -15.47 1.51
C SER A 107 14.83 -15.60 0.00
N LEU A 108 14.89 -14.49 -0.74
CA LEU A 108 14.87 -14.52 -2.20
C LEU A 108 16.15 -13.92 -2.79
N GLY A 109 17.26 -13.99 -2.06
CA GLY A 109 18.55 -13.74 -2.68
C GLY A 109 18.80 -14.63 -3.87
N HIS A 110 18.27 -15.86 -3.85
CA HIS A 110 18.38 -16.73 -5.01
C HIS A 110 17.69 -16.14 -6.23
N ARG A 111 16.47 -15.61 -6.03
CA ARG A 111 15.77 -14.97 -7.14
C ARG A 111 16.47 -13.70 -7.58
N LEU A 112 17.00 -12.92 -6.64
CA LEU A 112 17.74 -11.72 -6.98
C LEU A 112 19.04 -12.01 -7.70
N GLY A 113 19.60 -13.20 -7.53
CA GLY A 113 20.82 -13.58 -8.23
C GLY A 113 20.70 -13.60 -9.74
N ALA A 114 19.47 -13.70 -10.25
CA ALA A 114 19.22 -13.65 -11.69
C ALA A 114 19.30 -12.24 -12.25
N GLY A 115 19.81 -11.28 -11.47
CA GLY A 115 19.88 -9.91 -11.90
C GLY A 115 18.69 -9.10 -11.42
N GLN A 116 18.47 -7.97 -12.09
CA GLN A 116 17.35 -7.07 -11.77
C GLN A 116 16.17 -7.46 -12.64
N VAL A 117 15.43 -8.47 -12.18
CA VAL A 117 14.24 -8.93 -12.88
C VAL A 117 13.17 -7.85 -12.73
N PRO A 118 12.69 -7.27 -13.83
CA PRO A 118 11.77 -6.12 -13.73
C PRO A 118 10.46 -6.45 -13.06
N GLY A 119 9.73 -7.42 -13.62
CA GLY A 119 8.42 -7.76 -13.09
C GLY A 119 8.47 -8.24 -11.66
N LEU A 120 9.42 -9.14 -11.35
CA LEU A 120 9.52 -9.68 -10.00
C LEU A 120 9.83 -8.58 -8.99
N THR A 121 10.83 -7.75 -9.29
CA THR A 121 11.21 -6.69 -8.35
C THR A 121 10.07 -5.69 -8.16
N LEU A 122 9.42 -5.29 -9.24
CA LEU A 122 8.34 -4.31 -9.12
C LEU A 122 7.17 -4.88 -8.33
N GLY A 123 6.75 -6.10 -8.66
CA GLY A 123 5.66 -6.71 -7.91
C GLY A 123 6.00 -6.87 -6.45
N LEU A 124 7.22 -7.32 -6.16
CA LEU A 124 7.64 -7.49 -4.77
C LEU A 124 7.58 -6.18 -4.01
N THR A 125 8.16 -5.12 -4.56
CA THR A 125 8.20 -3.85 -3.84
C THR A 125 6.80 -3.27 -3.65
N VAL A 126 5.95 -3.33 -4.70
CA VAL A 126 4.62 -2.75 -4.57
C VAL A 126 3.78 -3.53 -3.57
N GLY A 127 3.85 -4.87 -3.63
CA GLY A 127 3.10 -5.67 -2.68
C GLY A 127 3.59 -5.51 -1.25
N ILE A 128 4.91 -5.41 -1.08
CA ILE A 128 5.46 -5.26 0.26
C ILE A 128 5.05 -3.93 0.86
N TRP A 129 5.14 -2.85 0.09
CA TRP A 129 4.71 -1.55 0.62
C TRP A 129 3.21 -1.51 0.86
N GLY A 130 2.42 -2.16 -0.01
CA GLY A 130 0.99 -2.22 0.23
C GLY A 130 0.63 -2.96 1.51
N VAL A 131 1.26 -4.11 1.73
CA VAL A 131 0.95 -4.88 2.93
C VAL A 131 1.52 -4.19 4.17
N ALA A 132 2.61 -3.46 4.03
CA ALA A 132 3.12 -2.68 5.16
C ALA A 132 2.15 -1.56 5.53
N ALA A 133 1.62 -0.85 4.52
CA ALA A 133 0.61 0.16 4.79
C ALA A 133 -0.67 -0.46 5.33
N LEU A 134 -0.94 -1.72 5.00
CA LEU A 134 -2.12 -2.39 5.52
C LEU A 134 -1.93 -2.81 6.98
N LEU A 135 -0.72 -3.24 7.34
CA LEU A 135 -0.47 -3.74 8.69
C LEU A 135 -0.49 -2.63 9.74
N THR A 136 -0.30 -1.38 9.35
CA THR A 136 -0.32 -0.27 10.28
C THR A 136 -1.72 0.24 10.56
N LEU A 137 -2.75 -0.44 10.03
CA LEU A 137 -4.13 -0.04 10.32
C LEU A 137 -4.49 -0.15 11.80
N PRO A 138 -4.20 -1.23 12.52
CA PRO A 138 -4.59 -1.28 13.93
C PRO A 138 -3.95 -0.20 14.79
N VAL A 139 -2.67 0.11 14.57
CA VAL A 139 -2.00 1.11 15.39
C VAL A 139 -2.53 2.50 15.07
N THR A 140 -2.80 2.78 13.79
CA THR A 140 -3.33 4.09 13.44
C THR A 140 -4.79 4.26 13.84
N LEU A 141 -5.54 3.15 13.98
CA LEU A 141 -6.87 3.24 14.55
C LEU A 141 -6.81 3.43 16.06
N ALA A 142 -5.91 2.71 16.72
CA ALA A 142 -5.75 2.80 18.16
C ALA A 142 -4.62 3.78 18.52
N SER A 143 -4.84 5.03 18.16
CA SER A 143 -3.91 6.11 18.46
C SER A 143 -4.68 7.32 18.95
N GLY A 144 -3.99 8.15 19.74
CA GLY A 144 -4.62 9.34 20.28
C GLY A 144 -3.59 10.22 20.95
N ALA A 145 -4.05 11.38 21.39
CA ALA A 145 -3.22 12.35 22.10
C ALA A 145 -3.86 12.62 23.46
N SER A 146 -3.24 12.11 24.51
CA SER A 146 -3.74 12.29 25.88
C SER A 146 -3.17 13.61 26.40
N GLY A 147 -3.98 14.67 26.30
CA GLY A 147 -3.51 15.99 26.67
C GLY A 147 -2.63 16.67 25.66
N GLY A 148 -2.46 16.07 24.48
CA GLY A 148 -1.59 16.61 23.45
C GLY A 148 -0.33 15.82 23.19
N LEU A 149 -0.14 14.68 23.85
CA LEU A 149 1.06 13.87 23.72
C LEU A 149 0.70 12.49 23.19
N CYS A 150 1.60 11.91 22.40
CA CYS A 150 1.31 10.67 21.70
C CYS A 150 1.41 9.47 22.65
N THR A 151 0.29 8.78 22.84
CA THR A 151 0.25 7.51 23.55
C THR A 151 -0.64 6.55 22.77
N LEU A 152 -0.35 5.26 22.91
CA LEU A 152 -1.25 4.25 22.34
C LEU A 152 -2.51 4.18 23.18
N ILE A 153 -3.58 3.66 22.57
CA ILE A 153 -4.90 3.61 23.20
C ILE A 153 -5.20 2.15 23.55
N TYR A 154 -5.46 1.90 24.82
CA TYR A 154 -5.85 0.59 25.33
C TYR A 154 -7.20 0.77 26.03
N SER A 155 -8.29 0.52 25.29
CA SER A 155 -9.63 0.69 25.82
C SER A 155 -10.47 -0.50 25.39
N THR A 156 -11.64 -0.63 26.02
CA THR A 156 -12.51 -1.77 25.74
C THR A 156 -12.90 -1.82 24.26
N GLU A 157 -13.27 -0.67 23.69
CA GLU A 157 -13.65 -0.62 22.29
C GLU A 157 -12.46 -0.67 21.34
N LEU A 158 -11.23 -0.80 21.85
CA LEU A 158 -10.05 -0.99 21.01
C LEU A 158 -9.25 -2.24 21.39
N LYS A 159 -9.82 -3.14 22.19
CA LYS A 159 -9.07 -4.32 22.63
C LYS A 159 -8.66 -5.19 21.46
N ALA A 160 -9.60 -5.47 20.56
CA ALA A 160 -9.28 -6.33 19.41
C ALA A 160 -8.25 -5.68 18.52
N LEU A 161 -8.38 -4.38 18.28
CA LEU A 161 -7.44 -3.68 17.41
C LEU A 161 -6.04 -3.70 18.00
N GLN A 162 -5.90 -3.42 19.30
CA GLN A 162 -4.57 -3.43 19.89
C GLN A 162 -4.00 -4.84 20.00
N ALA A 163 -4.85 -5.85 20.19
CA ALA A 163 -4.36 -7.22 20.21
C ALA A 163 -3.84 -7.62 18.83
N THR A 164 -4.56 -7.28 17.77
CA THR A 164 -4.07 -7.54 16.43
C THR A 164 -2.76 -6.80 16.17
N HIS A 165 -2.69 -5.54 16.60
CA HIS A 165 -1.47 -4.78 16.41
C HIS A 165 -0.29 -5.41 17.14
N THR A 166 -0.50 -5.83 18.39
CA THR A 166 0.60 -6.37 19.16
C THR A 166 1.03 -7.74 18.65
N VAL A 167 0.10 -8.56 18.16
CA VAL A 167 0.51 -9.84 17.61
C VAL A 167 1.26 -9.64 16.29
N ALA A 168 0.82 -8.65 15.48
CA ALA A 168 1.55 -8.34 14.26
C ALA A 168 2.95 -7.83 14.57
N CYS A 169 3.08 -6.97 15.59
CA CYS A 169 4.40 -6.49 15.98
C CYS A 169 5.27 -7.63 16.49
N LEU A 170 4.71 -8.50 17.33
CA LEU A 170 5.45 -9.67 17.78
C LEU A 170 5.97 -10.47 16.60
N ALA A 171 5.09 -10.82 15.65
CA ALA A 171 5.52 -11.56 14.48
C ALA A 171 6.65 -10.83 13.78
N ILE A 172 6.35 -9.64 13.25
CA ILE A 172 7.26 -8.95 12.34
C ILE A 172 8.60 -8.68 13.02
N PHE A 173 8.60 -8.46 14.33
CA PHE A 173 9.82 -7.99 14.99
C PHE A 173 10.62 -9.08 15.71
N VAL A 174 10.01 -10.15 16.22
CA VAL A 174 10.81 -11.16 16.90
C VAL A 174 10.57 -12.55 16.34
N LEU A 175 9.39 -12.78 15.75
CA LEU A 175 9.15 -14.10 15.18
C LEU A 175 9.71 -14.20 13.76
N LEU A 176 9.62 -13.10 13.01
CA LEU A 176 10.22 -13.09 11.67
C LEU A 176 11.74 -13.27 11.71
N PRO A 177 12.51 -12.54 12.51
CA PRO A 177 13.96 -12.78 12.50
C PRO A 177 14.34 -14.16 13.02
N LEU A 178 13.86 -14.53 14.20
CA LEU A 178 14.15 -15.85 14.75
C LEU A 178 13.57 -16.95 13.87
N GLY A 179 12.44 -16.67 13.21
CA GLY A 179 11.93 -17.62 12.23
C GLY A 179 12.90 -17.85 11.09
N LEU A 180 13.46 -16.75 10.56
CA LEU A 180 14.52 -16.87 9.57
C LEU A 180 15.74 -17.56 10.16
N PHE A 181 15.94 -17.45 11.46
CA PHE A 181 17.06 -18.08 12.16
C PHE A 181 16.64 -19.37 12.87
N GLY A 182 15.75 -20.15 12.25
CA GLY A 182 15.29 -21.38 12.86
C GLY A 182 16.18 -22.55 12.50
N ALA A 183 15.58 -23.59 11.91
CA ALA A 183 16.31 -24.80 11.52
C ALA A 183 17.06 -25.40 12.70
N LYS A 184 16.33 -25.68 13.76
CA LYS A 184 16.91 -26.25 14.97
C LYS A 184 17.51 -27.63 14.70
N GLY A 195 29.95 -19.75 14.63
CA GLY A 195 29.39 -18.40 14.61
C GLY A 195 28.24 -18.24 13.63
N PRO A 196 27.61 -17.06 13.66
CA PRO A 196 26.49 -16.82 12.74
C PRO A 196 26.94 -16.86 11.28
N TRP A 197 26.02 -17.26 10.41
CA TRP A 197 26.29 -17.42 8.99
C TRP A 197 25.54 -16.44 8.11
N MET A 198 24.33 -16.04 8.50
CA MET A 198 23.52 -15.17 7.66
C MET A 198 24.11 -13.76 7.61
N ASN A 199 23.60 -12.95 6.69
CA ASN A 199 24.19 -11.66 6.37
C ASN A 199 24.20 -10.74 7.58
N ILE A 200 25.14 -9.80 7.57
CA ILE A 200 25.44 -8.97 8.73
C ILE A 200 24.32 -8.01 9.10
N LEU A 201 23.30 -7.86 8.26
CA LEU A 201 22.31 -6.81 8.46
C LEU A 201 21.26 -7.16 9.50
N TRP A 202 21.52 -8.14 10.37
CA TRP A 202 20.61 -8.47 11.46
C TRP A 202 20.52 -7.35 12.49
N ALA A 203 21.32 -6.30 12.32
CA ALA A 203 21.27 -5.21 13.29
C ALA A 203 19.92 -4.52 13.29
N TRP A 204 19.21 -4.56 12.16
CA TRP A 204 17.85 -4.03 12.12
C TRP A 204 16.96 -4.73 13.15
N PHE A 205 16.94 -6.06 13.11
CA PHE A 205 16.11 -6.81 14.02
C PHE A 205 16.68 -6.84 15.43
N ILE A 206 18.00 -6.66 15.59
CA ILE A 206 18.55 -6.47 16.92
C ILE A 206 18.04 -5.17 17.51
N PHE A 207 17.90 -4.13 16.69
CA PHE A 207 17.38 -2.86 17.19
C PHE A 207 15.90 -2.94 17.50
N TRP A 208 15.13 -3.67 16.72
CA TRP A 208 13.69 -3.76 16.95
C TRP A 208 13.28 -4.91 17.86
N TRP A 209 14.22 -5.77 18.27
CA TRP A 209 13.90 -6.89 19.16
C TRP A 209 13.36 -6.45 20.52
N PRO A 210 13.96 -5.49 21.23
CA PRO A 210 13.33 -5.05 22.49
C PRO A 210 11.93 -4.50 22.31
N HIS A 211 11.70 -3.75 21.23
CA HIS A 211 10.36 -3.23 20.97
C HIS A 211 9.39 -4.33 20.56
N GLY A 212 9.89 -5.51 20.20
CA GLY A 212 9.03 -6.63 19.94
C GLY A 212 8.69 -7.38 21.21
N VAL A 213 9.70 -7.65 22.04
CA VAL A 213 9.46 -8.43 23.25
C VAL A 213 8.64 -7.63 24.26
N VAL A 214 8.91 -6.33 24.40
CA VAL A 214 8.26 -5.57 25.47
C VAL A 214 6.81 -5.31 25.15
N LEU A 215 6.44 -5.29 23.86
CA LEU A 215 5.07 -4.97 23.50
C LEU A 215 4.11 -6.06 23.94
N GLY A 216 4.53 -7.33 23.91
CA GLY A 216 3.68 -8.39 24.42
C GLY A 216 3.44 -8.27 25.91
N LEU A 217 4.47 -7.96 26.68
CA LEU A 217 4.30 -7.75 28.11
C LEU A 217 3.39 -6.56 28.38
N ASP A 218 3.54 -5.49 27.60
CA ASP A 218 2.67 -4.33 27.75
C ASP A 218 1.23 -4.70 27.46
N PHE A 219 1.00 -5.51 26.42
CA PHE A 219 -0.35 -5.98 26.12
C PHE A 219 -0.93 -6.80 27.26
N LEU A 220 -0.13 -7.72 27.81
CA LEU A 220 -0.62 -8.57 28.89
C LEU A 220 -0.96 -7.76 30.12
N VAL A 221 -0.10 -6.81 30.50
CA VAL A 221 -0.33 -6.01 31.69
C VAL A 221 -1.51 -5.06 31.50
N ARG A 222 -1.53 -4.37 30.35
CA ARG A 222 -2.54 -3.34 30.11
C ARG A 222 -3.93 -3.93 29.90
N SER A 223 -4.03 -5.22 29.58
CA SER A 223 -5.31 -5.87 29.37
C SER A 223 -5.81 -6.61 30.60
N LYS A 224 -5.16 -6.42 31.75
CA LYS A 224 -5.53 -6.98 33.04
C LYS A 224 -5.40 -8.50 33.09
N LEU A 225 -4.80 -9.12 32.08
CA LEU A 225 -4.57 -10.56 32.13
C LEU A 225 -3.60 -10.93 33.23
N LEU A 226 -2.44 -10.26 33.27
CA LEU A 226 -1.45 -10.51 34.31
C LEU A 226 -1.60 -9.51 35.44
N LEU A 227 -0.72 -9.61 36.42
CA LEU A 227 -0.69 -8.68 37.55
C LEU A 227 0.73 -8.55 38.06
N LEU A 228 1.11 -7.35 38.47
CA LEU A 228 2.46 -7.08 38.94
C LEU A 228 2.60 -7.42 40.42
N SER A 229 3.84 -7.54 40.86
CA SER A 229 4.14 -7.94 42.23
C SER A 229 4.43 -6.76 43.14
N THR A 230 5.42 -5.93 42.81
CA THR A 230 5.85 -4.85 43.68
C THR A 230 6.16 -3.62 42.83
N CYS A 231 6.50 -2.53 43.51
CA CYS A 231 6.90 -1.31 42.81
C CYS A 231 8.16 -1.51 41.99
N LEU A 232 9.05 -2.40 42.44
CA LEU A 232 10.26 -2.70 41.68
C LEU A 232 9.90 -3.28 40.32
N ALA A 233 8.90 -4.17 40.28
CA ALA A 233 8.47 -4.73 39.00
C ALA A 233 7.96 -3.65 38.06
N GLN A 234 7.15 -2.72 38.56
CA GLN A 234 6.65 -1.63 37.73
C GLN A 234 7.78 -0.74 37.23
N GLN A 235 8.74 -0.43 38.11
CA GLN A 235 9.87 0.39 37.72
C GLN A 235 10.70 -0.29 36.64
N ALA A 236 10.95 -1.58 36.80
CA ALA A 236 11.66 -2.32 35.77
C ALA A 236 10.86 -2.35 34.48
N LEU A 237 9.53 -2.47 34.57
CA LEU A 237 8.72 -2.53 33.37
C LEU A 237 8.81 -1.24 32.56
N ASP A 238 8.60 -0.09 33.19
CA ASP A 238 8.63 1.13 32.39
C ASP A 238 10.06 1.51 32.01
N LEU A 239 11.06 1.11 32.80
CA LEU A 239 12.43 1.30 32.39
C LEU A 239 12.73 0.51 31.12
N LEU A 240 12.28 -0.75 31.06
CA LEU A 240 12.47 -1.55 29.86
C LEU A 240 11.70 -0.97 28.68
N LEU A 241 10.49 -0.47 28.94
CA LEU A 241 9.70 0.15 27.86
C LEU A 241 10.43 1.35 27.27
N ASN A 242 10.95 2.23 28.13
CA ASN A 242 11.68 3.40 27.65
C ASN A 242 12.98 3.03 26.96
N LEU A 243 13.69 2.02 27.49
CA LEU A 243 14.92 1.58 26.83
C LEU A 243 14.63 1.01 25.44
N ALA A 244 13.55 0.23 25.31
CA ALA A 244 13.17 -0.29 24.00
C ALA A 244 12.75 0.83 23.06
N GLU A 245 12.05 1.84 23.57
CA GLU A 245 11.71 2.98 22.73
C GLU A 245 12.96 3.70 22.23
N ALA A 246 13.94 3.89 23.10
CA ALA A 246 15.17 4.54 22.69
C ALA A 246 15.95 3.70 21.69
N LEU A 247 16.00 2.39 21.90
CA LEU A 247 16.68 1.49 20.98
C LEU A 247 15.95 1.36 19.65
N ALA A 248 14.67 1.68 19.61
CA ALA A 248 13.95 1.72 18.34
C ALA A 248 13.98 3.10 17.70
N ILE A 249 14.29 4.15 18.46
CA ILE A 249 14.33 5.49 17.90
C ILE A 249 15.72 5.81 17.35
N LEU A 250 16.77 5.22 17.93
CA LEU A 250 18.11 5.35 17.35
C LEU A 250 18.23 4.59 16.04
N HIS A 251 17.18 3.89 15.64
CA HIS A 251 17.14 3.17 14.37
C HIS A 251 17.40 4.09 13.18
N CYS A 252 16.99 5.36 13.29
CA CYS A 252 17.20 6.33 12.23
C CYS A 252 18.66 6.40 11.84
N VAL A 253 19.54 6.60 12.83
CA VAL A 253 20.96 6.67 12.57
C VAL A 253 21.56 5.28 12.40
N ALA A 254 20.93 4.25 12.95
CA ALA A 254 21.48 2.90 12.84
C ALA A 254 21.45 2.39 11.40
N THR A 255 20.27 2.39 10.78
CA THR A 255 20.10 1.61 9.55
C THR A 255 20.94 2.09 8.38
N PRO A 256 20.96 3.37 8.00
CA PRO A 256 21.75 3.76 6.81
C PRO A 256 23.23 3.46 6.93
N LEU A 257 23.82 3.61 8.11
CA LEU A 257 25.24 3.32 8.26
C LEU A 257 25.53 1.83 8.04
N LEU A 258 24.65 0.96 8.56
CA LEU A 258 24.78 -0.46 8.30
C LEU A 258 24.62 -0.76 6.81
N LEU A 259 23.68 -0.06 6.15
CA LEU A 259 23.50 -0.23 4.71
C LEU A 259 24.78 0.13 3.95
N ALA A 260 25.40 1.25 4.32
CA ALA A 260 26.62 1.68 3.64
C ALA A 260 27.76 0.71 3.89
N LEU A 261 27.89 0.21 5.12
CA LEU A 261 28.94 -0.76 5.41
C LEU A 261 28.73 -2.05 4.61
N PHE A 262 27.49 -2.52 4.52
CA PHE A 262 27.18 -3.70 3.72
C PHE A 262 27.54 -3.45 2.26
N CYS A 263 27.19 -2.28 1.73
CA CYS A 263 27.45 -1.98 0.33
C CYS A 263 28.95 -1.91 0.03
N HIS A 264 29.72 -1.29 0.92
CA HIS A 264 31.14 -1.10 0.68
C HIS A 264 31.99 -2.25 1.20
N GLN A 265 31.38 -3.28 1.77
CA GLN A 265 32.11 -4.48 2.17
C GLN A 265 31.96 -5.63 1.19
N ALA A 266 30.82 -5.73 0.53
CA ALA A 266 30.59 -6.77 -0.46
C ALA A 266 31.10 -6.41 -1.85
N THR A 267 31.61 -5.19 -2.03
CA THR A 267 32.12 -4.76 -3.33
C THR A 267 33.48 -5.39 -3.63
N SER B 1 5.13 10.55 37.29
CA SER B 1 4.10 10.03 36.41
C SER B 1 3.92 8.53 36.57
N THR B 2 2.86 8.00 35.96
CA THR B 2 2.52 6.57 36.04
C THR B 2 2.44 6.12 37.50
N THR B 3 1.73 6.93 38.29
CA THR B 3 1.57 6.64 39.71
C THR B 3 0.74 5.37 39.90
N CYS B 4 1.15 4.55 40.86
CA CYS B 4 0.44 3.31 41.16
C CYS B 4 0.70 2.92 42.60
N CYS B 5 -0.14 2.00 43.09
CA CYS B 5 -0.04 1.49 44.47
C CYS B 5 -0.35 0.00 44.43
N TYR B 6 0.68 -0.82 44.61
CA TYR B 6 0.53 -2.27 44.58
C TYR B 6 0.16 -2.87 45.92
N ARG B 7 0.34 -2.15 47.01
CA ARG B 7 0.21 -2.68 48.36
C ARG B 7 -0.76 -1.83 49.18
N PHE B 8 -1.93 -1.57 48.61
CA PHE B 8 -2.94 -0.76 49.28
C PHE B 8 -3.32 -1.38 50.62
N ILE B 9 -3.46 -0.54 51.64
CA ILE B 9 -3.75 -0.96 53.00
C ILE B 9 -5.07 -0.36 53.43
N ASN B 10 -5.88 -1.15 54.14
CA ASN B 10 -7.20 -0.73 54.57
C ASN B 10 -7.24 -0.29 56.03
N LYS B 11 -6.08 -0.05 56.62
CA LYS B 11 -6.05 0.30 58.05
C LYS B 11 -6.67 1.69 58.23
N LYS B 12 -7.14 2.01 59.42
CA LYS B 12 -7.73 3.30 59.74
C LYS B 12 -6.66 4.38 59.80
N ILE B 13 -7.07 5.60 59.48
CA ILE B 13 -6.14 6.74 59.45
C ILE B 13 -6.76 7.89 60.23
N PRO B 14 -5.93 8.79 60.77
CA PRO B 14 -6.47 10.00 61.40
C PRO B 14 -7.14 10.90 60.37
N LYS B 15 -8.15 11.65 60.84
CA LYS B 15 -8.93 12.48 59.93
C LYS B 15 -8.29 13.84 59.70
N GLN B 16 -7.72 14.44 60.75
CA GLN B 16 -7.16 15.78 60.65
C GLN B 16 -5.81 15.82 59.95
N ARG B 17 -5.10 14.70 59.87
CA ARG B 17 -3.73 14.69 59.34
C ARG B 17 -3.67 14.88 57.84
N LEU B 18 -4.79 14.86 57.13
CA LEU B 18 -4.78 14.94 55.68
C LEU B 18 -4.91 16.39 55.21
N GLU B 19 -4.55 16.61 53.94
CA GLU B 19 -4.59 17.96 53.39
C GLU B 19 -5.31 18.02 52.04
N SER B 20 -5.29 16.93 51.28
CA SER B 20 -5.95 16.89 49.99
C SER B 20 -6.16 15.44 49.58
N TYR B 21 -6.91 15.23 48.50
CA TYR B 21 -7.30 13.91 48.06
C TYR B 21 -7.15 13.81 46.55
N ARG B 22 -6.93 12.60 46.06
CA ARG B 22 -6.66 12.38 44.64
C ARG B 22 -7.13 11.00 44.22
N ARG B 23 -7.33 10.85 42.91
CA ARG B 23 -7.70 9.58 42.30
C ARG B 23 -6.48 8.93 41.64
N THR B 24 -6.68 7.69 41.20
CA THR B 24 -5.60 6.89 40.65
C THR B 24 -5.71 6.77 39.13
N THR B 25 -4.65 6.25 38.53
CA THR B 25 -4.59 5.94 37.10
C THR B 25 -4.14 4.49 36.95
N SER B 26 -5.07 3.60 36.65
CA SER B 26 -4.78 2.17 36.66
C SER B 26 -4.16 1.68 35.36
N SER B 27 -3.55 2.58 34.57
CA SER B 27 -2.97 2.21 33.28
C SER B 27 -2.11 0.94 33.37
N HIS B 28 -1.02 1.01 34.13
CA HIS B 28 -0.20 -0.17 34.38
C HIS B 28 -0.42 -0.75 35.78
N CYS B 29 -1.23 -0.08 36.60
CA CYS B 29 -1.30 -0.43 38.01
C CYS B 29 -2.04 -1.75 38.20
N PRO B 30 -1.60 -2.59 39.12
CA PRO B 30 -2.44 -3.71 39.60
C PRO B 30 -3.59 -3.18 40.44
N ARG B 31 -4.24 -4.08 41.18
CA ARG B 31 -5.49 -3.82 41.90
C ARG B 31 -5.57 -2.40 42.43
N GLU B 32 -6.70 -1.73 42.21
CA GLU B 32 -6.81 -0.29 42.31
C GLU B 32 -6.72 0.18 43.75
N ALA B 33 -6.26 1.42 43.92
CA ALA B 33 -6.15 2.06 45.22
C ALA B 33 -6.55 3.52 45.07
N VAL B 34 -6.28 4.31 46.10
CA VAL B 34 -6.61 5.73 46.10
C VAL B 34 -5.42 6.50 46.69
N ILE B 35 -5.36 7.79 46.36
CA ILE B 35 -4.27 8.66 46.78
C ILE B 35 -4.81 9.76 47.66
N PHE B 36 -4.20 9.95 48.82
CA PHE B 36 -4.52 11.04 49.73
C PHE B 36 -3.23 11.74 50.16
N LYS B 37 -3.30 13.05 50.31
CA LYS B 37 -2.15 13.87 50.68
C LYS B 37 -2.32 14.36 52.11
N THR B 38 -1.34 14.04 52.96
CA THR B 38 -1.41 14.42 54.36
C THR B 38 -1.01 15.88 54.55
N LYS B 39 -1.39 16.42 55.70
CA LYS B 39 -0.98 17.78 56.06
C LYS B 39 0.53 17.86 56.26
N LEU B 40 1.19 16.74 56.53
CA LEU B 40 2.64 16.69 56.62
C LEU B 40 3.33 16.57 55.27
N ASP B 41 2.59 16.84 54.18
CA ASP B 41 3.11 16.84 52.82
C ASP B 41 3.59 15.45 52.39
N LYS B 42 3.20 14.42 53.15
CA LYS B 42 3.56 13.05 52.81
C LYS B 42 2.37 12.37 52.13
N GLU B 43 2.61 11.87 50.92
CA GLU B 43 1.57 11.17 50.18
C GLU B 43 1.33 9.79 50.79
N ILE B 44 0.20 9.19 50.43
CA ILE B 44 -0.17 7.87 50.95
C ILE B 44 -1.15 7.23 49.98
N CYS B 45 -1.11 5.90 49.90
CA CYS B 45 -2.07 5.13 49.15
C CYS B 45 -2.68 4.07 50.05
N ALA B 46 -3.97 3.80 49.86
CA ALA B 46 -4.70 2.95 50.78
C ALA B 46 -5.78 2.19 50.01
N ASP B 47 -6.28 1.13 50.63
CA ASP B 47 -7.32 0.31 50.03
C ASP B 47 -8.67 1.03 50.11
N PRO B 48 -9.34 1.30 48.99
CA PRO B 48 -10.65 1.96 49.05
C PRO B 48 -11.81 1.03 49.35
N THR B 49 -11.56 -0.27 49.51
CA THR B 49 -12.65 -1.22 49.73
C THR B 49 -13.23 -1.14 51.13
N GLN B 50 -12.45 -0.72 52.12
CA GLN B 50 -12.88 -0.78 53.50
C GLN B 50 -14.03 0.21 53.76
N LYS B 51 -14.71 0.01 54.89
CA LYS B 51 -15.77 0.92 55.29
C LYS B 51 -15.21 2.21 55.89
N TRP B 52 -14.09 2.11 56.61
CA TRP B 52 -13.48 3.29 57.21
C TRP B 52 -13.04 4.29 56.14
N VAL B 53 -12.42 3.80 55.07
CA VAL B 53 -12.01 4.69 54.00
C VAL B 53 -13.22 5.26 53.28
N GLN B 54 -14.30 4.49 53.17
CA GLN B 54 -15.53 5.01 52.57
C GLN B 54 -16.08 6.17 53.40
N ASP B 55 -16.10 6.00 54.73
CA ASP B 55 -16.52 7.09 55.60
C ASP B 55 -15.56 8.28 55.50
N PHE B 56 -14.28 8.01 55.29
CA PHE B 56 -13.32 9.10 55.10
C PHE B 56 -13.62 9.89 53.83
N MET B 57 -13.92 9.20 52.73
CA MET B 57 -14.32 9.89 51.51
C MET B 57 -15.61 10.67 51.72
N LYS B 58 -16.56 10.10 52.45
CA LYS B 58 -17.81 10.79 52.72
C LYS B 58 -17.57 12.07 53.51
N HIS B 59 -16.68 12.01 54.52
CA HIS B 59 -16.39 13.17 55.34
C HIS B 59 -15.54 14.21 54.61
N LEU B 60 -14.87 13.82 53.53
CA LEU B 60 -14.07 14.77 52.77
C LEU B 60 -14.94 15.87 52.20
N ASP B 61 -14.49 17.13 52.34
CA ASP B 61 -15.24 18.25 51.81
C ASP B 61 -15.36 18.15 50.29
N LYS B 62 -14.25 17.94 49.60
CA LYS B 62 -14.21 17.71 48.15
C LYS B 62 -14.88 18.85 47.38
N LYS B 63 -14.76 20.08 47.88
CA LYS B 63 -15.32 21.24 47.20
C LYS B 63 -14.70 22.53 47.71
N GLU C 1 -12.44 -18.00 -55.21
CA GLU C 1 -12.73 -18.22 -53.77
C GLU C 1 -11.99 -17.14 -52.98
N ALA C 2 -12.68 -16.09 -52.55
CA ALA C 2 -11.93 -15.05 -51.86
C ALA C 2 -11.28 -15.59 -50.60
N ALA C 3 -12.09 -16.00 -49.63
CA ALA C 3 -11.60 -16.59 -48.38
C ALA C 3 -10.56 -15.69 -47.72
N ALA C 4 -10.78 -14.39 -47.78
CA ALA C 4 -9.77 -13.43 -47.36
C ALA C 4 -9.53 -13.56 -45.85
N PRO C 5 -8.28 -13.67 -45.41
CA PRO C 5 -7.99 -13.68 -43.98
C PRO C 5 -8.35 -12.33 -43.35
N CYS C 6 -8.80 -12.38 -42.10
CA CYS C 6 -9.27 -11.19 -41.41
C CYS C 6 -8.10 -10.42 -40.83
N HIS C 7 -7.98 -9.15 -41.20
CA HIS C 7 -6.95 -8.27 -40.67
C HIS C 7 -7.54 -7.36 -39.60
N SER C 8 -6.80 -7.17 -38.52
CA SER C 8 -7.28 -6.39 -37.39
C SER C 8 -7.48 -4.93 -37.78
N CYS C 9 -8.55 -4.33 -37.25
CA CYS C 9 -8.79 -2.91 -37.49
C CYS C 9 -7.69 -2.05 -36.87
N ASN C 10 -7.25 -2.40 -35.66
CA ASN C 10 -6.11 -1.80 -34.97
C ASN C 10 -6.16 -0.26 -35.04
N LEU C 11 -7.22 0.28 -34.44
CA LEU C 11 -7.48 1.71 -34.42
C LEU C 11 -6.40 2.50 -33.69
N LEU C 12 -6.17 2.18 -32.41
CA LEU C 12 -5.39 3.01 -31.51
C LEU C 12 -3.90 3.07 -31.82
N ASP C 13 -3.43 2.27 -32.78
CA ASP C 13 -2.01 2.19 -33.10
C ASP C 13 -1.40 3.53 -33.51
N ASP C 14 -0.08 3.52 -33.74
CA ASP C 14 0.80 4.68 -33.76
C ASP C 14 0.17 5.95 -34.32
N SER C 15 -0.58 5.85 -35.41
CA SER C 15 -1.19 7.01 -36.04
C SER C 15 -2.09 7.80 -35.11
N ALA C 16 -2.37 7.27 -33.92
CA ALA C 16 -3.20 7.93 -32.92
C ALA C 16 -2.38 8.42 -31.73
N LEU C 17 -1.16 8.88 -31.99
CA LEU C 17 -0.28 9.44 -30.96
C LEU C 17 -0.89 10.63 -30.23
N PRO C 18 -1.59 11.55 -30.92
CA PRO C 18 -2.25 12.66 -30.19
C PRO C 18 -3.10 12.19 -29.01
N PHE C 19 -3.99 11.24 -29.23
CA PHE C 19 -4.89 10.76 -28.19
C PHE C 19 -4.16 10.16 -26.99
N PHE C 20 -2.83 10.03 -27.07
CA PHE C 20 -2.01 9.63 -25.93
C PHE C 20 -1.25 10.82 -25.35
N ILE C 21 -0.44 11.49 -26.18
CA ILE C 21 0.45 12.52 -25.65
C ILE C 21 -0.32 13.76 -25.24
N LEU C 22 -1.19 14.26 -26.13
CA LEU C 22 -1.94 15.46 -25.80
C LEU C 22 -2.90 15.20 -24.64
N THR C 23 -3.49 14.01 -24.60
CA THR C 23 -4.38 13.66 -23.49
C THR C 23 -3.60 13.60 -22.18
N SER C 24 -2.40 13.03 -22.19
CA SER C 24 -1.59 12.99 -20.97
C SER C 24 -1.23 14.38 -20.50
N VAL C 25 -0.83 15.26 -21.42
CA VAL C 25 -0.44 16.61 -21.03
C VAL C 25 -1.64 17.38 -20.48
N LEU C 26 -2.78 17.32 -21.17
CA LEU C 26 -3.98 17.99 -20.66
C LEU C 26 -4.42 17.42 -19.33
N GLY C 27 -4.31 16.11 -19.15
CA GLY C 27 -4.71 15.50 -17.90
C GLY C 27 -3.82 15.91 -16.74
N ILE C 28 -2.50 15.92 -16.95
CA ILE C 28 -1.60 16.33 -15.87
C ILE C 28 -1.81 17.81 -15.55
N LEU C 29 -2.02 18.63 -16.58
CA LEU C 29 -2.29 20.04 -16.33
C LEU C 29 -3.55 20.24 -15.50
N ALA C 30 -4.65 19.60 -15.91
CA ALA C 30 -5.91 19.76 -15.19
C ALA C 30 -5.83 19.20 -13.78
N SER C 31 -5.17 18.05 -13.61
CA SER C 31 -5.07 17.45 -12.28
C SER C 31 -4.22 18.30 -11.35
N SER C 32 -3.08 18.81 -11.84
CA SER C 32 -2.28 19.71 -11.02
C SER C 32 -3.04 20.98 -10.68
N THR C 33 -3.84 21.49 -11.63
CA THR C 33 -4.63 22.68 -11.36
C THR C 33 -5.65 22.43 -10.25
N VAL C 34 -6.43 21.35 -10.37
CA VAL C 34 -7.46 21.08 -9.38
C VAL C 34 -6.85 20.65 -8.05
N LEU C 35 -5.59 20.21 -8.04
CA LEU C 35 -4.94 19.84 -6.78
C LEU C 35 -4.34 21.06 -6.08
N PHE C 36 -3.75 21.97 -6.84
CA PHE C 36 -3.13 23.15 -6.26
C PHE C 36 -4.10 24.32 -6.07
N MET C 37 -5.33 24.20 -6.59
CA MET C 37 -6.39 25.09 -6.14
C MET C 37 -7.06 24.57 -4.88
N LEU C 38 -6.74 23.34 -4.48
CA LEU C 38 -7.13 22.78 -3.19
C LEU C 38 -6.07 23.00 -2.12
N PHE C 39 -4.79 22.85 -2.49
CA PHE C 39 -3.69 23.03 -1.54
C PHE C 39 -3.46 24.49 -1.17
N ARG C 40 -4.08 25.43 -1.88
CA ARG C 40 -4.01 26.84 -1.53
C ARG C 40 -5.37 27.26 -0.99
N PRO C 41 -5.51 27.44 0.34
CA PRO C 41 -6.85 27.63 0.92
C PRO C 41 -7.47 28.98 0.66
N LEU C 42 -6.84 29.85 -0.12
CA LEU C 42 -7.39 31.18 -0.36
C LEU C 42 -8.61 31.18 -1.28
N PHE C 43 -8.92 30.04 -1.91
CA PHE C 43 -10.01 29.97 -2.87
C PHE C 43 -11.28 29.38 -2.27
N ARG C 44 -11.39 29.33 -0.95
CA ARG C 44 -12.60 28.89 -0.25
C ARG C 44 -12.96 27.44 -0.58
N TRP C 45 -11.96 26.55 -0.56
CA TRP C 45 -12.17 25.13 -0.70
C TRP C 45 -12.09 24.39 0.62
N GLN C 46 -12.00 25.11 1.74
CA GLN C 46 -11.73 24.48 3.03
C GLN C 46 -12.95 23.78 3.61
N LEU C 47 -14.13 24.37 3.44
CA LEU C 47 -15.34 23.89 4.11
C LEU C 47 -16.06 22.80 3.33
N CYS C 48 -15.42 22.21 2.31
CA CYS C 48 -16.06 21.16 1.55
C CYS C 48 -16.22 19.90 2.40
N PRO C 49 -17.31 19.14 2.20
CA PRO C 49 -17.51 17.93 2.99
C PRO C 49 -16.59 16.79 2.55
N GLY C 50 -15.69 16.38 3.45
CA GLY C 50 -14.79 15.29 3.14
C GLY C 50 -13.82 15.62 2.02
N TRP C 51 -13.21 16.79 2.07
CA TRP C 51 -12.30 17.21 1.02
C TRP C 51 -11.05 16.34 0.86
N PRO C 52 -10.48 15.69 1.90
CA PRO C 52 -9.33 14.83 1.64
C PRO C 52 -9.63 13.67 0.70
N VAL C 53 -10.84 13.13 0.70
CA VAL C 53 -11.19 12.09 -0.25
C VAL C 53 -11.16 12.65 -1.68
N LEU C 54 -11.68 13.86 -1.86
CA LEU C 54 -11.61 14.51 -3.16
C LEU C 54 -10.17 14.74 -3.57
N ALA C 55 -9.32 15.13 -2.64
CA ALA C 55 -7.90 15.34 -2.95
C ALA C 55 -7.23 14.03 -3.36
N GLN C 56 -7.56 12.93 -2.68
CA GLN C 56 -7.00 11.63 -3.04
C GLN C 56 -7.46 11.20 -4.42
N LEU C 57 -8.74 11.41 -4.74
CA LEU C 57 -9.22 11.11 -6.08
C LEU C 57 -8.49 11.95 -7.13
N ALA C 58 -8.28 13.23 -6.83
CA ALA C 58 -7.58 14.10 -7.76
C ALA C 58 -6.14 13.67 -7.96
N VAL C 59 -5.44 13.30 -6.89
CA VAL C 59 -4.04 12.89 -7.03
C VAL C 59 -3.95 11.55 -7.75
N GLY C 60 -4.96 10.69 -7.59
CA GLY C 60 -5.01 9.48 -8.40
C GLY C 60 -5.15 9.79 -9.87
N SER C 61 -6.05 10.72 -10.21
CA SER C 61 -6.19 11.14 -11.60
C SER C 61 -4.89 11.73 -12.11
N ALA C 62 -4.18 12.47 -11.26
CA ALA C 62 -2.88 13.02 -11.60
C ALA C 62 -1.92 11.90 -11.98
N LEU C 63 -1.66 10.99 -11.04
CA LEU C 63 -0.72 9.89 -11.30
C LEU C 63 -1.09 9.13 -12.56
N PHE C 64 -2.40 8.95 -12.81
CA PHE C 64 -2.84 8.31 -14.04
C PHE C 64 -2.44 9.14 -15.26
N SER C 65 -2.59 10.46 -15.18
CA SER C 65 -2.19 11.33 -16.28
C SER C 65 -0.69 11.24 -16.54
N ILE C 66 0.11 11.20 -15.48
CA ILE C 66 1.56 11.05 -15.66
C ILE C 66 1.88 9.71 -16.32
N VAL C 67 1.20 8.63 -15.92
CA VAL C 67 1.59 7.33 -16.45
C VAL C 67 1.13 7.14 -17.89
N VAL C 68 0.08 7.86 -18.32
CA VAL C 68 -0.49 7.69 -19.66
C VAL C 68 0.53 7.44 -20.77
N PRO C 69 1.54 8.30 -20.98
CA PRO C 69 2.34 8.18 -22.21
C PRO C 69 3.38 7.06 -22.19
N VAL C 70 3.74 6.51 -21.02
CA VAL C 70 4.88 5.60 -20.97
C VAL C 70 4.57 4.30 -21.70
N LEU C 71 3.33 3.82 -21.58
CA LEU C 71 2.92 2.58 -22.23
C LEU C 71 2.15 2.80 -23.52
N ALA C 72 1.99 4.04 -23.95
CA ALA C 72 1.24 4.32 -25.16
C ALA C 72 2.05 3.90 -26.39
N PRO C 73 1.40 3.40 -27.43
CA PRO C 73 2.12 3.08 -28.67
C PRO C 73 2.49 4.34 -29.42
N GLY C 74 3.08 4.18 -30.61
CA GLY C 74 3.56 5.30 -31.40
C GLY C 74 5.04 5.58 -31.20
N LEU C 75 5.49 5.57 -29.95
CA LEU C 75 6.91 5.65 -29.68
C LEU C 75 7.60 4.36 -30.11
N GLY C 76 8.84 4.48 -30.56
CA GLY C 76 9.58 3.36 -31.12
C GLY C 76 10.09 2.41 -30.07
N SER C 77 11.25 1.81 -30.36
CA SER C 77 11.87 0.83 -29.49
C SER C 77 12.59 1.50 -28.34
N THR C 78 13.44 0.74 -27.64
CA THR C 78 14.22 1.09 -26.46
C THR C 78 13.37 1.08 -25.19
N ARG C 79 12.09 0.76 -25.29
CA ARG C 79 11.28 0.52 -24.10
C ARG C 79 11.40 -0.94 -23.69
N SER C 80 11.59 -1.16 -22.39
CA SER C 80 11.77 -2.50 -21.85
C SER C 80 10.51 -2.93 -21.09
N SER C 81 10.48 -4.20 -20.73
CA SER C 81 9.38 -4.73 -19.94
C SER C 81 9.29 -4.05 -18.57
N ALA C 82 10.38 -3.48 -18.09
CA ALA C 82 10.35 -2.75 -16.82
C ALA C 82 9.42 -1.55 -16.92
N LEU C 83 9.57 -0.75 -17.97
CA LEU C 83 8.74 0.44 -18.13
C LEU C 83 7.28 0.07 -18.35
N CYS C 84 7.01 -0.97 -19.14
CA CYS C 84 5.64 -1.42 -19.34
C CYS C 84 5.03 -1.91 -18.05
N SER C 85 5.79 -2.67 -17.26
CA SER C 85 5.29 -3.14 -15.97
C SER C 85 4.99 -1.98 -15.03
N LEU C 86 5.88 -1.00 -14.98
CA LEU C 86 5.62 0.19 -14.17
C LEU C 86 4.35 0.89 -14.63
N GLY C 87 4.20 1.04 -15.94
CA GLY C 87 3.04 1.72 -16.48
C GLY C 87 1.74 1.04 -16.10
N TYR C 88 1.64 -0.26 -16.38
CA TYR C 88 0.42 -0.99 -16.02
C TYR C 88 0.21 -1.00 -14.51
N CYS C 89 1.29 -1.16 -13.73
CA CYS C 89 1.14 -1.24 -12.29
C CYS C 89 0.51 0.03 -11.73
N VAL C 90 1.10 1.19 -12.05
CA VAL C 90 0.56 2.41 -11.47
C VAL C 90 -0.75 2.83 -12.16
N TRP C 91 -0.92 2.50 -13.44
CA TRP C 91 -2.20 2.68 -14.13
C TRP C 91 -3.33 2.02 -13.36
N TYR C 92 -3.24 0.70 -13.20
CA TYR C 92 -4.32 -0.04 -12.56
C TYR C 92 -4.39 0.25 -11.08
N GLY C 93 -3.26 0.59 -10.45
CA GLY C 93 -3.30 1.00 -9.06
C GLY C 93 -4.10 2.27 -8.85
N SER C 94 -3.89 3.25 -9.73
CA SER C 94 -4.68 4.48 -9.66
C SER C 94 -6.15 4.18 -9.92
N ALA C 95 -6.44 3.34 -10.92
CA ALA C 95 -7.83 3.00 -11.19
C ALA C 95 -8.50 2.35 -9.98
N PHE C 96 -7.84 1.35 -9.40
CA PHE C 96 -8.39 0.66 -8.24
C PHE C 96 -8.53 1.61 -7.05
N ALA C 97 -7.52 2.46 -6.83
CA ALA C 97 -7.58 3.38 -5.70
C ALA C 97 -8.74 4.34 -5.82
N GLN C 98 -8.95 4.90 -7.02
CA GLN C 98 -10.08 5.80 -7.21
C GLN C 98 -11.40 5.07 -7.02
N ALA C 99 -11.53 3.87 -7.58
CA ALA C 99 -12.77 3.14 -7.45
C ALA C 99 -13.07 2.81 -5.98
N LEU C 100 -12.05 2.42 -5.23
CA LEU C 100 -12.24 2.11 -3.82
C LEU C 100 -12.57 3.36 -3.02
N LEU C 101 -11.96 4.50 -3.36
CA LEU C 101 -12.29 5.74 -2.66
C LEU C 101 -13.73 6.16 -2.92
N LEU C 102 -14.21 6.01 -4.17
CA LEU C 102 -15.61 6.25 -4.45
C LEU C 102 -16.51 5.28 -3.68
N GLY C 103 -16.12 4.01 -3.61
CA GLY C 103 -16.89 3.07 -2.82
C GLY C 103 -16.98 3.47 -1.35
N CYS C 104 -15.86 3.93 -0.79
CA CYS C 104 -15.85 4.39 0.59
C CYS C 104 -16.74 5.61 0.78
N HIS C 105 -16.61 6.59 -0.11
CA HIS C 105 -17.42 7.80 0.00
C HIS C 105 -18.90 7.53 -0.25
N ALA C 106 -19.23 6.42 -0.93
CA ALA C 106 -20.63 6.08 -1.17
C ALA C 106 -21.24 5.28 -0.02
N SER C 107 -20.49 4.34 0.54
CA SER C 107 -21.00 3.51 1.61
C SER C 107 -20.79 4.13 2.98
N LEU C 108 -19.67 4.83 3.19
CA LEU C 108 -19.33 5.41 4.48
C LEU C 108 -19.56 6.91 4.52
N GLY C 109 -20.59 7.40 3.83
CA GLY C 109 -20.93 8.82 3.92
C GLY C 109 -21.42 9.21 5.30
N HIS C 110 -22.13 8.30 5.97
CA HIS C 110 -22.58 8.57 7.34
C HIS C 110 -21.40 8.74 8.29
N ARG C 111 -20.36 7.94 8.10
CA ARG C 111 -19.15 8.10 8.92
C ARG C 111 -18.50 9.46 8.67
N LEU C 112 -18.46 9.91 7.43
CA LEU C 112 -17.95 11.23 7.12
C LEU C 112 -18.87 12.33 7.60
N GLY C 113 -20.14 12.00 7.89
CA GLY C 113 -21.08 12.99 8.40
C GLY C 113 -20.70 13.58 9.74
N ALA C 114 -19.86 12.88 10.51
CA ALA C 114 -19.38 13.37 11.79
C ALA C 114 -18.20 14.33 11.65
N GLY C 115 -17.98 14.88 10.46
CA GLY C 115 -16.85 15.76 10.22
C GLY C 115 -15.62 15.00 9.78
N GLN C 116 -14.45 15.62 9.94
CA GLN C 116 -13.18 15.00 9.55
C GLN C 116 -12.62 14.25 10.76
N VAL C 117 -13.05 13.00 10.91
CA VAL C 117 -12.54 12.15 11.98
C VAL C 117 -11.10 11.77 11.63
N PRO C 118 -10.13 12.13 12.46
CA PRO C 118 -8.72 11.93 12.09
C PRO C 118 -8.33 10.48 11.91
N GLY C 119 -8.55 9.67 12.95
CA GLY C 119 -8.13 8.28 12.90
C GLY C 119 -8.85 7.50 11.83
N LEU C 120 -10.17 7.69 11.73
CA LEU C 120 -10.95 6.96 10.74
C LEU C 120 -10.53 7.32 9.32
N THR C 121 -10.39 8.63 9.04
CA THR C 121 -10.00 9.05 7.70
C THR C 121 -8.61 8.54 7.34
N LEU C 122 -7.66 8.66 8.27
CA LEU C 122 -6.30 8.22 7.99
C LEU C 122 -6.25 6.70 7.75
N GLY C 123 -6.93 5.93 8.60
CA GLY C 123 -6.96 4.49 8.40
C GLY C 123 -7.61 4.13 7.07
N LEU C 124 -8.71 4.79 6.73
CA LEU C 124 -9.37 4.51 5.46
C LEU C 124 -8.44 4.77 4.28
N THR C 125 -7.81 5.94 4.24
CA THR C 125 -6.98 6.25 3.08
C THR C 125 -5.76 5.33 3.01
N VAL C 126 -5.11 5.06 4.14
CA VAL C 126 -3.91 4.23 4.10
C VAL C 126 -4.26 2.80 3.70
N GLY C 127 -5.36 2.25 4.25
CA GLY C 127 -5.77 0.91 3.88
C GLY C 127 -6.22 0.82 2.44
N ILE C 128 -6.92 1.85 1.96
CA ILE C 128 -7.39 1.85 0.58
C ILE C 128 -6.21 1.87 -0.39
N TRP C 129 -5.22 2.71 -0.12
CA TRP C 129 -4.07 2.74 -1.01
C TRP C 129 -3.23 1.47 -0.89
N GLY C 130 -3.13 0.89 0.31
CA GLY C 130 -2.41 -0.36 0.44
C GLY C 130 -3.06 -1.50 -0.31
N VAL C 131 -4.39 -1.61 -0.19
CA VAL C 131 -5.08 -2.68 -0.90
C VAL C 131 -5.12 -2.42 -2.40
N ALA C 132 -5.12 -1.14 -2.83
CA ALA C 132 -4.99 -0.85 -4.25
C ALA C 132 -3.63 -1.26 -4.79
N ALA C 133 -2.56 -0.99 -4.03
CA ALA C 133 -1.24 -1.44 -4.44
C ALA C 133 -1.13 -2.95 -4.40
N LEU C 134 -1.92 -3.60 -3.55
CA LEU C 134 -1.92 -5.07 -3.51
C LEU C 134 -2.64 -5.66 -4.71
N LEU C 135 -3.78 -5.07 -5.10
CA LEU C 135 -4.59 -5.63 -6.18
C LEU C 135 -3.90 -5.53 -7.54
N THR C 136 -2.93 -4.63 -7.70
CA THR C 136 -2.24 -4.48 -8.98
C THR C 136 -1.08 -5.46 -9.14
N LEU C 137 -0.92 -6.39 -8.21
CA LEU C 137 0.15 -7.39 -8.34
C LEU C 137 -0.02 -8.29 -9.56
N PRO C 138 -1.20 -8.87 -9.84
CA PRO C 138 -1.29 -9.75 -11.02
C PRO C 138 -1.01 -9.04 -12.33
N VAL C 139 -1.51 -7.82 -12.51
CA VAL C 139 -1.29 -7.12 -13.77
C VAL C 139 0.18 -6.73 -13.92
N THR C 140 0.83 -6.35 -12.83
CA THR C 140 2.24 -6.00 -12.91
C THR C 140 3.14 -7.22 -13.01
N LEU C 141 2.64 -8.40 -12.66
CA LEU C 141 3.41 -9.62 -12.88
C LEU C 141 3.20 -10.18 -14.28
N ALA C 142 2.01 -9.96 -14.84
CA ALA C 142 1.64 -10.48 -16.16
C ALA C 142 1.77 -9.41 -17.25
N SER C 143 2.77 -8.54 -17.14
CA SER C 143 2.97 -7.46 -18.10
C SER C 143 4.35 -7.59 -18.73
N GLY C 144 4.44 -7.14 -19.98
CA GLY C 144 5.70 -7.20 -20.68
C GLY C 144 5.65 -6.35 -21.93
N ALA C 145 6.72 -6.43 -22.72
CA ALA C 145 6.84 -5.69 -23.96
C ALA C 145 7.23 -6.63 -25.09
N SER C 146 6.55 -6.48 -26.23
CA SER C 146 6.81 -7.26 -27.44
C SER C 146 7.29 -6.30 -28.51
N GLY C 147 8.61 -6.05 -28.52
CA GLY C 147 9.20 -5.09 -29.43
C GLY C 147 9.14 -3.65 -28.96
N GLY C 148 8.46 -3.37 -27.85
CA GLY C 148 8.36 -2.02 -27.33
C GLY C 148 6.96 -1.66 -26.87
N LEU C 149 5.95 -2.24 -27.51
CA LEU C 149 4.57 -2.01 -27.10
C LEU C 149 4.26 -2.82 -25.84
N CYS C 150 3.45 -2.22 -24.96
CA CYS C 150 3.10 -2.82 -23.68
C CYS C 150 1.76 -3.55 -23.82
N THR C 151 1.78 -4.86 -23.61
CA THR C 151 0.59 -5.69 -23.67
C THR C 151 0.57 -6.64 -22.48
N LEU C 152 -0.64 -7.05 -22.10
CA LEU C 152 -0.78 -8.08 -21.08
C LEU C 152 -0.31 -9.42 -21.62
N ILE C 153 0.03 -10.33 -20.71
CA ILE C 153 0.61 -11.62 -21.06
C ILE C 153 -0.42 -12.70 -20.78
N TYR C 154 -0.69 -13.52 -21.79
CA TYR C 154 -1.59 -14.67 -21.69
C TYR C 154 -0.79 -15.91 -22.08
N SER C 155 -0.09 -16.49 -21.11
CA SER C 155 0.76 -17.65 -21.37
C SER C 155 0.00 -18.92 -20.98
N THR C 156 0.69 -20.06 -21.06
CA THR C 156 0.06 -21.33 -20.67
C THR C 156 -0.04 -21.47 -19.16
N GLU C 157 0.77 -20.73 -18.39
CA GLU C 157 0.71 -20.77 -16.93
C GLU C 157 0.22 -19.48 -16.30
N LEU C 158 0.41 -18.34 -16.96
CA LEU C 158 -0.02 -17.06 -16.42
C LEU C 158 -1.53 -16.92 -16.44
N LYS C 159 -2.24 -17.95 -16.89
CA LYS C 159 -3.70 -17.90 -16.91
C LYS C 159 -4.27 -17.75 -15.51
N ALA C 160 -3.60 -18.28 -14.49
CA ALA C 160 -4.09 -18.12 -13.13
C ALA C 160 -3.95 -16.68 -12.64
N LEU C 161 -2.77 -16.09 -12.82
CA LEU C 161 -2.55 -14.71 -12.40
C LEU C 161 -3.45 -13.77 -13.18
N GLN C 162 -3.57 -13.99 -14.50
CA GLN C 162 -4.43 -13.14 -15.30
C GLN C 162 -5.90 -13.34 -14.96
N ALA C 163 -6.29 -14.56 -14.60
CA ALA C 163 -7.67 -14.80 -14.15
C ALA C 163 -7.96 -14.05 -12.87
N THR C 164 -7.03 -14.07 -11.93
CA THR C 164 -7.20 -13.28 -10.70
C THR C 164 -7.30 -11.81 -11.03
N HIS C 165 -6.44 -11.33 -11.93
CA HIS C 165 -6.45 -9.92 -12.30
C HIS C 165 -7.78 -9.53 -12.94
N THR C 166 -8.29 -10.38 -13.84
CA THR C 166 -9.52 -10.02 -14.54
C THR C 166 -10.75 -10.16 -13.67
N VAL C 167 -10.76 -11.10 -12.72
CA VAL C 167 -11.89 -11.15 -11.80
C VAL C 167 -11.85 -9.95 -10.87
N ALA C 168 -10.66 -9.52 -10.43
CA ALA C 168 -10.57 -8.32 -9.63
C ALA C 168 -11.02 -7.10 -10.42
N CYS C 169 -10.61 -7.00 -11.69
CA CYS C 169 -11.04 -5.88 -12.53
C CYS C 169 -12.55 -5.90 -12.73
N LEU C 170 -13.12 -7.06 -13.03
CA LEU C 170 -14.56 -7.18 -13.19
C LEU C 170 -15.27 -6.72 -11.93
N ALA C 171 -14.87 -7.23 -10.76
CA ALA C 171 -15.47 -6.82 -9.51
C ALA C 171 -15.41 -5.31 -9.38
N ILE C 172 -14.18 -4.77 -9.31
CA ILE C 172 -13.97 -3.37 -8.98
C ILE C 172 -14.69 -2.45 -9.95
N PHE C 173 -14.69 -2.79 -11.24
CA PHE C 173 -15.17 -1.87 -12.26
C PHE C 173 -16.64 -2.01 -12.59
N VAL C 174 -17.24 -3.20 -12.54
CA VAL C 174 -18.65 -3.32 -12.86
C VAL C 174 -19.48 -3.98 -11.78
N LEU C 175 -18.92 -4.86 -10.93
CA LEU C 175 -19.75 -5.44 -9.88
C LEU C 175 -19.90 -4.45 -8.72
N LEU C 176 -18.86 -3.68 -8.44
CA LEU C 176 -18.94 -2.69 -7.36
C LEU C 176 -19.96 -1.60 -7.64
N PRO C 177 -19.97 -0.93 -8.81
CA PRO C 177 -20.97 0.13 -9.02
C PRO C 177 -22.40 -0.40 -9.04
N LEU C 178 -22.64 -1.44 -9.85
CA LEU C 178 -23.97 -2.03 -9.90
C LEU C 178 -24.35 -2.63 -8.55
N GLY C 179 -23.38 -3.22 -7.86
CA GLY C 179 -23.65 -3.74 -6.52
C GLY C 179 -24.13 -2.66 -5.57
N LEU C 180 -23.49 -1.49 -5.62
CA LEU C 180 -23.98 -0.35 -4.85
C LEU C 180 -25.39 0.04 -5.28
N PHE C 181 -25.71 -0.12 -6.55
CA PHE C 181 -27.03 0.19 -7.09
C PHE C 181 -27.94 -1.03 -7.10
N GLY C 182 -27.48 -2.17 -6.60
CA GLY C 182 -28.23 -3.40 -6.64
C GLY C 182 -29.40 -3.50 -5.69
N ALA C 183 -29.81 -2.40 -5.07
CA ALA C 183 -30.88 -2.40 -4.08
C ALA C 183 -32.21 -2.56 -4.81
N LYS C 184 -32.54 -3.81 -5.14
CA LYS C 184 -33.81 -4.12 -5.79
C LYS C 184 -34.71 -4.89 -4.84
N GLY C 195 -31.44 8.25 -11.13
CA GLY C 195 -32.49 8.24 -10.12
C GLY C 195 -32.15 9.10 -8.92
N PRO C 196 -32.88 8.92 -7.81
CA PRO C 196 -32.61 9.70 -6.59
C PRO C 196 -31.18 9.51 -6.09
N TRP C 197 -30.78 8.28 -5.89
CA TRP C 197 -29.42 8.07 -5.35
C TRP C 197 -28.46 8.04 -6.51
N MET C 198 -27.23 7.62 -6.24
CA MET C 198 -26.18 7.63 -7.25
C MET C 198 -25.86 9.05 -7.72
N ASN C 199 -25.32 9.87 -6.82
CA ASN C 199 -24.94 11.25 -7.10
C ASN C 199 -24.04 11.34 -8.33
N ILE C 200 -23.91 12.54 -8.89
CA ILE C 200 -23.36 12.77 -10.22
C ILE C 200 -22.01 12.10 -10.43
N LEU C 201 -21.31 11.79 -9.35
CA LEU C 201 -19.93 11.32 -9.48
C LEU C 201 -19.85 9.84 -9.87
N TRP C 202 -20.99 9.15 -10.00
CA TRP C 202 -21.00 7.80 -10.55
C TRP C 202 -20.67 7.79 -12.03
N ALA C 203 -20.37 8.96 -12.60
CA ALA C 203 -19.83 9.01 -13.95
C ALA C 203 -18.41 8.46 -14.02
N TRP C 204 -17.78 8.25 -12.87
CA TRP C 204 -16.45 7.65 -12.85
C TRP C 204 -16.47 6.23 -13.39
N PHE C 205 -17.47 5.44 -12.98
CA PHE C 205 -17.53 4.03 -13.38
C PHE C 205 -18.06 3.83 -14.79
N ILE C 206 -18.66 4.86 -15.39
CA ILE C 206 -19.01 4.80 -16.80
C ILE C 206 -17.75 4.70 -17.66
N PHE C 207 -16.63 5.19 -17.15
CA PHE C 207 -15.36 5.16 -17.88
C PHE C 207 -14.58 3.87 -17.66
N TRP C 208 -15.13 2.94 -16.88
CA TRP C 208 -14.48 1.64 -16.67
C TRP C 208 -15.40 0.44 -16.84
N TRP C 209 -16.72 0.62 -16.80
CA TRP C 209 -17.70 -0.42 -17.08
C TRP C 209 -17.37 -1.10 -18.41
N PRO C 210 -17.12 -0.35 -19.49
CA PRO C 210 -16.60 -1.01 -20.70
C PRO C 210 -15.30 -1.73 -20.47
N HIS C 211 -14.38 -1.14 -19.69
CA HIS C 211 -13.11 -1.80 -19.45
C HIS C 211 -13.23 -3.02 -18.54
N GLY C 212 -14.39 -3.23 -17.92
CA GLY C 212 -14.63 -4.45 -17.19
C GLY C 212 -15.26 -5.50 -18.08
N VAL C 213 -16.30 -5.11 -18.81
CA VAL C 213 -17.00 -6.09 -19.65
C VAL C 213 -16.08 -6.62 -20.76
N VAL C 214 -15.34 -5.72 -21.41
CA VAL C 214 -14.48 -6.16 -22.50
C VAL C 214 -13.30 -6.95 -21.95
N LEU C 215 -12.83 -6.63 -20.75
CA LEU C 215 -11.76 -7.42 -20.16
C LEU C 215 -12.22 -8.84 -19.87
N GLY C 216 -13.45 -8.98 -19.36
CA GLY C 216 -13.99 -10.31 -19.17
C GLY C 216 -14.13 -11.08 -20.46
N LEU C 217 -14.67 -10.43 -21.50
CA LEU C 217 -14.80 -11.11 -22.79
C LEU C 217 -13.45 -11.50 -23.36
N ASP C 218 -12.45 -10.62 -23.22
CA ASP C 218 -11.11 -10.93 -23.69
C ASP C 218 -10.52 -12.11 -22.93
N PHE C 219 -10.74 -12.16 -21.62
CA PHE C 219 -10.32 -13.34 -20.85
C PHE C 219 -10.93 -14.61 -21.43
N LEU C 220 -12.25 -14.60 -21.65
CA LEU C 220 -12.90 -15.80 -22.15
C LEU C 220 -12.37 -16.19 -23.52
N VAL C 221 -12.10 -15.20 -24.38
CA VAL C 221 -11.65 -15.49 -25.74
C VAL C 221 -10.22 -16.04 -25.72
N ARG C 222 -9.33 -15.41 -24.94
CA ARG C 222 -7.94 -15.85 -24.92
C ARG C 222 -7.81 -17.26 -24.34
N SER C 223 -8.59 -17.58 -23.32
CA SER C 223 -8.54 -18.89 -22.69
C SER C 223 -8.90 -20.02 -23.63
N LYS C 224 -9.35 -19.71 -24.85
CA LYS C 224 -9.73 -20.68 -25.87
C LYS C 224 -10.93 -21.52 -25.47
N LEU C 225 -11.60 -21.19 -24.37
CA LEU C 225 -12.83 -21.90 -24.02
C LEU C 225 -13.97 -21.47 -24.92
N LEU C 226 -14.05 -20.17 -25.24
CA LEU C 226 -14.98 -19.70 -26.25
C LEU C 226 -14.38 -19.85 -27.64
N LEU C 227 -15.11 -19.38 -28.64
CA LEU C 227 -14.63 -19.43 -30.01
C LEU C 227 -15.28 -18.31 -30.81
N LEU C 228 -14.56 -17.80 -31.80
CA LEU C 228 -15.06 -16.74 -32.66
C LEU C 228 -15.74 -17.37 -33.88
N SER C 229 -17.06 -17.16 -33.99
CA SER C 229 -17.82 -17.82 -35.04
C SER C 229 -17.58 -17.19 -36.41
N THR C 230 -17.48 -15.87 -36.48
CA THR C 230 -17.42 -15.18 -37.76
C THR C 230 -16.32 -14.13 -37.72
N CYS C 231 -15.93 -13.69 -38.92
CA CYS C 231 -14.94 -12.62 -39.05
C CYS C 231 -15.45 -11.32 -38.45
N LEU C 232 -16.73 -11.01 -38.69
CA LEU C 232 -17.31 -9.79 -38.12
C LEU C 232 -17.25 -9.81 -36.61
N ALA C 233 -17.39 -10.99 -36.00
CA ALA C 233 -17.28 -11.10 -34.55
C ALA C 233 -15.90 -10.68 -34.06
N GLN C 234 -14.85 -11.17 -34.73
CA GLN C 234 -13.49 -10.80 -34.33
C GLN C 234 -13.23 -9.32 -34.55
N GLN C 235 -13.68 -8.78 -35.67
CA GLN C 235 -13.49 -7.35 -35.93
C GLN C 235 -14.22 -6.51 -34.89
N ALA C 236 -15.44 -6.91 -34.54
CA ALA C 236 -16.20 -6.18 -33.52
C ALA C 236 -15.54 -6.29 -32.16
N LEU C 237 -14.96 -7.45 -31.84
CA LEU C 237 -14.25 -7.59 -30.58
C LEU C 237 -13.05 -6.66 -30.52
N ASP C 238 -12.28 -6.58 -31.61
CA ASP C 238 -11.14 -5.66 -31.65
C ASP C 238 -11.61 -4.22 -31.50
N LEU C 239 -12.68 -3.85 -32.21
CA LEU C 239 -13.19 -2.49 -32.13
C LEU C 239 -13.67 -2.15 -30.72
N LEU C 240 -14.35 -3.09 -30.07
CA LEU C 240 -14.82 -2.88 -28.71
C LEU C 240 -13.66 -2.74 -27.74
N LEU C 241 -12.62 -3.57 -27.90
CA LEU C 241 -11.45 -3.46 -27.04
C LEU C 241 -10.80 -2.09 -27.17
N ASN C 242 -10.62 -1.61 -28.40
CA ASN C 242 -9.99 -0.31 -28.60
C ASN C 242 -10.89 0.82 -28.10
N LEU C 243 -12.20 0.72 -28.31
CA LEU C 243 -13.11 1.75 -27.82
C LEU C 243 -13.11 1.82 -26.30
N ALA C 244 -13.06 0.66 -25.64
CA ALA C 244 -12.98 0.65 -24.18
C ALA C 244 -11.65 1.22 -23.70
N GLU C 245 -10.55 0.94 -24.42
CA GLU C 245 -9.28 1.54 -24.04
C GLU C 245 -9.32 3.06 -24.16
N ALA C 246 -9.98 3.57 -25.21
CA ALA C 246 -10.11 5.03 -25.35
C ALA C 246 -11.01 5.62 -24.26
N LEU C 247 -12.11 4.93 -23.95
CA LEU C 247 -13.00 5.40 -22.90
C LEU C 247 -12.37 5.30 -21.51
N ALA C 248 -11.33 4.49 -21.37
CA ALA C 248 -10.54 4.48 -20.15
C ALA C 248 -9.43 5.52 -20.13
N ILE C 249 -8.84 5.84 -21.28
CA ILE C 249 -7.79 6.85 -21.31
C ILE C 249 -8.40 8.25 -21.10
N LEU C 250 -9.61 8.48 -21.59
CA LEU C 250 -10.22 9.79 -21.38
C LEU C 250 -10.62 10.04 -19.93
N HIS C 251 -10.59 9.00 -19.09
CA HIS C 251 -10.84 9.15 -17.67
C HIS C 251 -9.93 10.20 -17.02
N CYS C 252 -8.67 10.26 -17.46
CA CYS C 252 -7.70 11.17 -16.86
C CYS C 252 -8.19 12.60 -16.90
N VAL C 253 -8.77 13.02 -18.03
CA VAL C 253 -9.32 14.35 -18.13
C VAL C 253 -10.75 14.44 -17.61
N ALA C 254 -11.48 13.32 -17.61
CA ALA C 254 -12.88 13.36 -17.19
C ALA C 254 -13.02 13.59 -15.69
N THR C 255 -12.25 12.84 -14.88
CA THR C 255 -12.54 12.78 -13.45
C THR C 255 -12.38 14.13 -12.73
N PRO C 256 -11.26 14.86 -12.87
CA PRO C 256 -11.14 16.12 -12.13
C PRO C 256 -12.23 17.13 -12.47
N LEU C 257 -12.67 17.17 -13.73
CA LEU C 257 -13.76 18.06 -14.09
C LEU C 257 -15.04 17.67 -13.37
N LEU C 258 -15.30 16.37 -13.24
CA LEU C 258 -16.46 15.92 -12.48
C LEU C 258 -16.35 16.35 -11.02
N LEU C 259 -15.15 16.24 -10.45
CA LEU C 259 -14.96 16.68 -9.07
C LEU C 259 -15.24 18.18 -8.93
N ALA C 260 -14.75 18.98 -9.88
CA ALA C 260 -14.98 20.42 -9.82
C ALA C 260 -16.46 20.75 -9.95
N LEU C 261 -17.16 20.08 -10.87
CA LEU C 261 -18.59 20.31 -11.00
C LEU C 261 -19.33 19.96 -9.72
N PHE C 262 -18.98 18.83 -9.10
CA PHE C 262 -19.61 18.44 -7.85
C PHE C 262 -19.36 19.47 -6.76
N CYS C 263 -18.11 19.92 -6.62
CA CYS C 263 -17.79 20.83 -5.53
C CYS C 263 -18.45 22.19 -5.71
N HIS C 264 -18.52 22.69 -6.95
CA HIS C 264 -19.15 23.98 -7.17
C HIS C 264 -20.66 23.89 -7.40
N GLN C 265 -21.23 22.69 -7.42
CA GLN C 265 -22.68 22.56 -7.49
C GLN C 265 -23.31 22.18 -6.15
N ALA C 266 -22.57 21.49 -5.28
CA ALA C 266 -23.08 21.17 -3.95
C ALA C 266 -22.89 22.30 -2.95
N THR C 267 -22.16 23.35 -3.32
CA THR C 267 -21.91 24.46 -2.42
C THR C 267 -23.12 25.38 -2.33
N SER D 1 -0.75 -7.32 -39.72
CA SER D 1 -0.50 -7.62 -38.31
C SER D 1 -1.79 -7.98 -37.59
N THR D 2 -1.70 -8.92 -36.64
CA THR D 2 -2.84 -9.40 -35.87
C THR D 2 -3.93 -9.93 -36.80
N THR D 3 -3.57 -10.98 -37.52
CA THR D 3 -4.39 -11.54 -38.58
C THR D 3 -4.86 -12.95 -38.20
N CYS D 4 -6.16 -13.19 -38.38
CA CYS D 4 -6.75 -14.50 -38.14
C CYS D 4 -7.76 -14.80 -39.24
N CYS D 5 -8.20 -16.05 -39.30
CA CYS D 5 -9.23 -16.47 -40.25
C CYS D 5 -9.96 -17.67 -39.68
N TYR D 6 -11.29 -17.61 -39.68
CA TYR D 6 -12.11 -18.64 -39.05
C TYR D 6 -12.40 -19.82 -39.96
N ARG D 7 -12.24 -19.69 -41.26
CA ARG D 7 -12.73 -20.71 -42.19
C ARG D 7 -11.66 -21.17 -43.17
N PHE D 8 -10.47 -21.52 -42.65
CA PHE D 8 -9.38 -21.97 -43.52
C PHE D 8 -9.80 -23.20 -44.32
N ILE D 9 -9.38 -23.24 -45.58
CA ILE D 9 -9.76 -24.31 -46.50
C ILE D 9 -8.50 -25.10 -46.84
N ASN D 10 -8.67 -26.40 -47.08
CA ASN D 10 -7.56 -27.30 -47.38
C ASN D 10 -7.56 -27.78 -48.83
N LYS D 11 -7.92 -26.91 -49.77
CA LYS D 11 -7.90 -27.28 -51.18
C LYS D 11 -6.48 -27.20 -51.73
N LYS D 12 -6.36 -27.42 -53.04
CA LYS D 12 -5.07 -27.40 -53.70
C LYS D 12 -4.61 -25.96 -53.96
N ILE D 13 -3.34 -25.83 -54.30
CA ILE D 13 -2.75 -24.51 -54.56
C ILE D 13 -1.86 -24.61 -55.80
N PRO D 14 -1.70 -23.51 -56.53
CA PRO D 14 -0.79 -23.52 -57.69
C PRO D 14 0.67 -23.48 -57.23
N LYS D 15 1.44 -24.46 -57.69
CA LYS D 15 2.82 -24.60 -57.21
C LYS D 15 3.68 -23.41 -57.59
N GLN D 16 3.61 -22.98 -58.84
CA GLN D 16 4.50 -21.94 -59.35
C GLN D 16 4.03 -20.53 -59.03
N ARG D 17 2.79 -20.36 -58.57
CA ARG D 17 2.25 -19.02 -58.34
C ARG D 17 2.57 -18.47 -56.96
N LEU D 18 3.04 -19.29 -56.03
CA LEU D 18 3.33 -18.82 -54.69
C LEU D 18 4.58 -17.94 -54.69
N GLU D 19 4.66 -17.07 -53.68
CA GLU D 19 5.77 -16.12 -53.57
C GLU D 19 6.53 -16.22 -52.26
N SER D 20 5.84 -16.37 -51.13
CA SER D 20 6.50 -16.37 -49.83
C SER D 20 5.66 -17.17 -48.84
N TYR D 21 6.12 -17.20 -47.59
CA TYR D 21 5.52 -18.02 -46.55
C TYR D 21 5.32 -17.18 -45.29
N ARG D 22 4.33 -17.57 -44.49
CA ARG D 22 4.05 -16.83 -43.26
C ARG D 22 3.27 -17.73 -42.30
N ARG D 23 3.17 -17.26 -41.05
CA ARG D 23 2.44 -17.97 -40.01
C ARG D 23 1.60 -16.96 -39.23
N THR D 24 0.61 -17.46 -38.50
CA THR D 24 -0.37 -16.64 -37.83
C THR D 24 -0.09 -16.54 -36.33
N THR D 25 -0.68 -15.53 -35.70
CA THR D 25 -0.64 -15.35 -34.26
C THR D 25 -2.03 -15.65 -33.72
N SER D 26 -2.15 -16.77 -33.00
CA SER D 26 -3.44 -17.33 -32.60
C SER D 26 -4.04 -16.62 -31.38
N SER D 27 -3.51 -15.43 -31.04
CA SER D 27 -3.88 -14.72 -29.83
C SER D 27 -5.38 -14.69 -29.57
N HIS D 28 -6.15 -14.08 -30.48
CA HIS D 28 -7.61 -14.14 -30.39
C HIS D 28 -8.21 -15.20 -31.30
N CYS D 29 -7.38 -15.92 -32.05
CA CYS D 29 -7.87 -16.66 -33.20
C CYS D 29 -8.47 -18.00 -32.78
N PRO D 30 -9.47 -18.49 -33.50
CA PRO D 30 -9.82 -19.92 -33.46
C PRO D 30 -8.76 -20.75 -34.17
N ARG D 31 -9.11 -22.00 -34.52
CA ARG D 31 -8.17 -23.04 -34.96
C ARG D 31 -6.94 -22.49 -35.67
N GLU D 32 -5.77 -22.94 -35.24
CA GLU D 32 -4.50 -22.43 -35.75
C GLU D 32 -4.45 -22.57 -37.27
N ALA D 33 -3.87 -21.56 -37.91
CA ALA D 33 -3.82 -21.49 -39.36
C ALA D 33 -2.40 -21.17 -39.81
N VAL D 34 -2.23 -21.04 -41.12
CA VAL D 34 -0.95 -20.71 -41.73
C VAL D 34 -1.22 -19.79 -42.91
N ILE D 35 -0.35 -18.80 -43.10
CA ILE D 35 -0.56 -17.74 -44.08
C ILE D 35 0.37 -18.00 -45.27
N PHE D 36 -0.22 -18.15 -46.46
CA PHE D 36 0.52 -18.29 -47.70
C PHE D 36 0.35 -17.02 -48.53
N LYS D 37 1.46 -16.48 -49.02
CA LYS D 37 1.45 -15.29 -49.86
C LYS D 37 1.88 -15.66 -51.27
N THR D 38 1.09 -15.23 -52.25
CA THR D 38 1.28 -15.62 -53.64
C THR D 38 1.86 -14.45 -54.44
N LYS D 39 2.36 -14.79 -55.64
CA LYS D 39 3.01 -13.81 -56.49
C LYS D 39 2.04 -12.84 -57.14
N LEU D 40 0.75 -13.20 -57.21
CA LEU D 40 -0.26 -12.33 -57.81
C LEU D 40 -0.96 -11.45 -56.78
N ASP D 41 -0.26 -11.08 -55.71
CA ASP D 41 -0.74 -10.18 -54.67
C ASP D 41 -1.92 -10.74 -53.89
N LYS D 42 -2.00 -12.06 -53.77
CA LYS D 42 -3.05 -12.71 -52.99
C LYS D 42 -2.44 -13.42 -51.79
N GLU D 43 -3.00 -13.15 -50.61
CA GLU D 43 -2.59 -13.81 -49.38
C GLU D 43 -3.76 -14.64 -48.85
N ILE D 44 -3.49 -15.91 -48.58
CA ILE D 44 -4.55 -16.86 -48.22
C ILE D 44 -4.10 -17.67 -47.02
N CYS D 45 -5.07 -18.15 -46.25
CA CYS D 45 -4.82 -19.06 -45.14
C CYS D 45 -5.45 -20.41 -45.44
N ALA D 46 -4.78 -21.47 -45.01
CA ALA D 46 -5.19 -22.83 -45.33
C ALA D 46 -5.14 -23.70 -44.10
N ASP D 47 -5.91 -24.78 -44.14
CA ASP D 47 -5.93 -25.74 -43.04
C ASP D 47 -4.59 -26.47 -42.97
N PRO D 48 -3.88 -26.41 -41.84
CA PRO D 48 -2.57 -27.07 -41.75
C PRO D 48 -2.62 -28.56 -41.51
N THR D 49 -3.82 -29.16 -41.38
CA THR D 49 -3.93 -30.58 -41.13
C THR D 49 -3.92 -31.42 -42.40
N GLN D 50 -3.99 -30.80 -43.58
CA GLN D 50 -4.05 -31.55 -44.81
C GLN D 50 -2.66 -32.07 -45.21
N LYS D 51 -2.65 -33.01 -46.15
CA LYS D 51 -1.39 -33.50 -46.70
C LYS D 51 -0.79 -32.54 -47.71
N TRP D 52 -1.63 -31.78 -48.42
CA TRP D 52 -1.12 -30.84 -49.40
C TRP D 52 -0.28 -29.75 -48.76
N VAL D 53 -0.72 -29.22 -47.61
CA VAL D 53 0.06 -28.22 -46.92
C VAL D 53 1.35 -28.83 -46.37
N GLN D 54 1.31 -30.11 -45.96
CA GLN D 54 2.52 -30.77 -45.53
C GLN D 54 3.53 -30.88 -46.67
N ASP D 55 3.05 -31.19 -47.88
CA ASP D 55 3.91 -31.20 -49.05
C ASP D 55 4.46 -29.81 -49.34
N PHE D 56 3.60 -28.79 -49.24
CA PHE D 56 4.02 -27.43 -49.57
C PHE D 56 5.07 -26.91 -48.59
N MET D 57 4.94 -27.25 -47.31
CA MET D 57 5.88 -26.75 -46.31
C MET D 57 7.30 -27.24 -46.59
N LYS D 58 7.45 -28.52 -46.95
CA LYS D 58 8.75 -29.06 -47.29
C LYS D 58 9.21 -28.65 -48.68
N HIS D 59 8.28 -28.50 -49.63
CA HIS D 59 8.65 -28.07 -50.97
C HIS D 59 9.03 -26.60 -51.03
N LEU D 60 8.61 -25.81 -50.04
CA LEU D 60 9.05 -24.42 -49.94
C LEU D 60 10.57 -24.37 -49.81
N ASP D 61 11.18 -23.43 -50.53
CA ASP D 61 12.63 -23.28 -50.47
C ASP D 61 13.10 -23.06 -49.04
N LYS D 62 12.53 -22.07 -48.36
CA LYS D 62 12.78 -21.83 -46.94
C LYS D 62 14.28 -21.72 -46.64
N LYS D 63 15.01 -21.12 -47.55
CA LYS D 63 16.46 -20.99 -47.40
C LYS D 63 17.02 -19.93 -48.34
#